data_8EDQ
#
_entry.id   8EDQ
#
_cell.length_a   74.870
_cell.length_b   244.931
_cell.length_c   134.284
_cell.angle_alpha   90.000
_cell.angle_beta   90.000
_cell.angle_gamma   90.000
#
_symmetry.space_group_name_H-M   'C 2 2 21'
#
loop_
_entity.id
_entity.type
_entity.pdbx_description
1 polymer 'Pyruvate kinase'
2 non-polymer 'SULFATE ION'
3 non-polymer 2-[3-(2-HYDROXY-1,1-DIHYDROXYMETHYL-ETHYLAMINO)-PROPYLAMINO]-2-HYDROXYMETHYL-PROPANE-1,3-DIOL
4 water water
#
_entity_poly.entity_id   1
_entity_poly.type   'polypeptide(L)'
_entity_poly.pdbx_seq_one_letter_code
;MKKTKIVCTIGPKTESEEMLAKMLDAGMNVMRLNFSHGDYAEHGQRIQNLRNVMSKTGKTAAILLDTKGPEIRTMKLEGG
NDVSLKAGQTFTFTTDKSVIGNSEMVAVTYEGFTTDLSVGNTVLVDDGLIGMEVTAIEGNKVICKVLNNGDLGENKGVNL
PGVSIALPALAEKDKQDLIFGCEQGVDFVAASFIRKRSDVIEIREHLKAHGGENIHIISKIENQEGLNNFDEILEASDGI
MVARGDLGVEIPVEEVIFAQKMMFEKCIRARKVVITATQMLDSMIKNPRPTRAEAGDVANAILDGTDAVMLSGESAKGKY
PLEAVSIMATICERTDRVMNSRLEFNNDNRKLRITEAVCRGAVETAEKLDAPLIVVATQGGKSARAVRKYFPDATILALT
TNEKTAHQLVLSKGVVPQLVKEITSTDDFYRLGKELALQSGLAHKGDVVVMVSGALVPSGTTNTASVHVL
;
_entity_poly.pdbx_strand_id   A,B
#
loop_
_chem_comp.id
_chem_comp.type
_chem_comp.name
_chem_comp.formula
B3P non-polymer 2-[3-(2-HYDROXY-1,1-DIHYDROXYMETHYL-ETHYLAMINO)-PROPYLAMINO]-2-HYDROXYMETHYL-PROPANE-1,3-DIOL 'C11 H26 N2 O6'
SO4 non-polymer 'SULFATE ION' 'O4 S -2'
#
# COMPACT_ATOMS: atom_id res chain seq x y z
CA MET A 1 23.82 9.37 -8.94
C MET A 1 23.78 7.86 -8.67
N LYS A 2 24.70 7.39 -7.84
CA LYS A 2 24.74 6.02 -7.36
C LYS A 2 23.88 5.90 -6.11
N LYS A 3 23.85 4.71 -5.51
CA LYS A 3 23.03 4.48 -4.32
C LYS A 3 23.82 3.91 -3.14
N THR A 4 24.80 3.07 -3.39
CA THR A 4 25.57 2.43 -2.33
C THR A 4 26.63 3.38 -1.80
N LYS A 5 26.83 3.38 -0.49
CA LYS A 5 27.66 4.38 0.14
C LYS A 5 29.09 3.88 0.30
N ILE A 6 30.03 4.80 0.15
CA ILE A 6 31.46 4.50 0.20
C ILE A 6 32.02 5.09 1.48
N VAL A 7 32.59 4.23 2.31
CA VAL A 7 33.36 4.62 3.48
C VAL A 7 34.82 4.63 3.07
N CYS A 8 35.51 5.73 3.35
CA CYS A 8 36.93 5.85 3.04
C CYS A 8 37.71 6.05 4.32
N THR A 9 38.68 5.19 4.57
CA THR A 9 39.63 5.42 5.64
C THR A 9 40.58 6.54 5.24
N ILE A 10 40.69 7.55 6.10
CA ILE A 10 41.49 8.73 5.81
C ILE A 10 42.80 8.62 6.58
N GLY A 11 43.90 8.90 5.89
CA GLY A 11 45.20 8.92 6.52
C GLY A 11 46.09 10.00 5.94
N PRO A 12 47.40 9.86 6.11
CA PRO A 12 48.31 10.95 5.72
C PRO A 12 48.19 11.34 4.25
N LYS A 13 48.16 10.36 3.35
CA LYS A 13 48.11 10.65 1.93
C LYS A 13 46.89 11.47 1.56
N THR A 14 45.83 11.46 2.39
CA THR A 14 44.55 11.99 1.97
C THR A 14 43.86 12.87 3.02
N GLU A 15 44.54 13.28 4.09
CA GLU A 15 43.89 14.03 5.15
C GLU A 15 43.72 15.51 4.85
N SER A 16 44.37 16.06 3.83
CA SER A 16 44.27 17.50 3.60
C SER A 16 42.87 17.85 3.11
N GLU A 17 42.49 19.12 3.32
CA GLU A 17 41.20 19.57 2.82
C GLU A 17 41.12 19.43 1.31
N GLU A 18 42.17 19.89 0.61
CA GLU A 18 42.21 19.76 -0.85
C GLU A 18 41.89 18.35 -1.29
N MET A 19 42.36 17.34 -0.54
CA MET A 19 42.09 15.95 -0.89
C MET A 19 40.67 15.55 -0.50
N LEU A 20 40.28 15.81 0.75
CA LEU A 20 38.95 15.43 1.20
C LEU A 20 37.88 15.94 0.25
N ALA A 21 37.99 17.21 -0.18
CA ALA A 21 37.07 17.73 -1.17
C ALA A 21 37.07 16.87 -2.42
N LYS A 22 38.26 16.42 -2.85
CA LYS A 22 38.35 15.60 -4.05
C LYS A 22 37.74 14.22 -3.82
N MET A 23 38.01 13.61 -2.67
CA MET A 23 37.38 12.32 -2.35
C MET A 23 35.87 12.42 -2.49
N LEU A 24 35.27 13.41 -1.83
CA LEU A 24 33.82 13.54 -1.84
C LEU A 24 33.28 13.64 -3.26
N ASP A 25 33.90 14.50 -4.09
CA ASP A 25 33.51 14.57 -5.49
C ASP A 25 33.53 13.18 -6.11
N ALA A 26 34.58 12.42 -5.86
CA ALA A 26 34.76 11.12 -6.51
C ALA A 26 33.76 10.08 -6.02
N GLY A 27 33.13 10.31 -4.88
CA GLY A 27 32.06 9.44 -4.40
C GLY A 27 32.12 9.09 -2.93
N MET A 28 33.09 9.62 -2.22
CA MET A 28 33.21 9.33 -0.79
C MET A 28 32.03 9.91 -0.03
N ASN A 29 31.48 9.12 0.87
CA ASN A 29 30.35 9.52 1.70
C ASN A 29 30.70 9.59 3.18
N VAL A 30 31.55 8.69 3.66
CA VAL A 30 31.84 8.55 5.09
C VAL A 30 33.33 8.44 5.27
N MET A 31 33.84 9.18 6.26
CA MET A 31 35.25 9.08 6.66
C MET A 31 35.38 8.09 7.81
N ARG A 32 36.27 7.12 7.62
CA ARG A 32 36.64 6.17 8.67
C ARG A 32 37.95 6.61 9.32
N LEU A 33 38.00 6.54 10.64
CA LEU A 33 39.20 6.82 11.42
C LEU A 33 39.67 5.51 12.04
N ASN A 34 40.79 4.99 11.54
CA ASN A 34 41.30 3.70 12.02
C ASN A 34 42.22 3.96 13.21
N PHE A 35 41.73 3.70 14.40
CA PHE A 35 42.46 4.00 15.63
C PHE A 35 43.45 2.90 16.02
N SER A 36 43.66 1.92 15.15
CA SER A 36 44.81 1.05 15.29
C SER A 36 46.11 1.85 15.19
N HIS A 37 46.09 2.96 14.45
CA HIS A 37 47.26 3.81 14.29
C HIS A 37 46.86 5.26 14.52
N GLY A 38 47.86 6.10 14.78
CA GLY A 38 47.64 7.53 14.87
C GLY A 38 47.18 8.00 16.23
N ASP A 39 47.52 9.24 16.59
CA ASP A 39 47.15 9.83 17.86
C ASP A 39 46.02 10.85 17.70
N TYR A 40 45.52 11.32 18.84
CA TYR A 40 44.30 12.13 18.82
C TYR A 40 44.48 13.41 18.01
N ALA A 41 45.68 13.99 18.02
CA ALA A 41 45.90 15.21 17.26
C ALA A 41 45.75 14.95 15.77
N GLU A 42 46.36 13.87 15.27
CA GLU A 42 46.20 13.54 13.86
C GLU A 42 44.73 13.32 13.51
N HIS A 43 44.03 12.47 14.26
CA HIS A 43 42.64 12.18 13.94
C HIS A 43 41.77 13.43 14.10
N GLY A 44 41.91 14.10 15.24
CA GLY A 44 41.18 15.35 15.42
C GLY A 44 41.40 16.31 14.27
N GLN A 45 42.63 16.35 13.73
CA GLN A 45 42.93 17.19 12.59
C GLN A 45 42.15 16.75 11.36
N ARG A 46 42.11 15.44 11.10
CA ARG A 46 41.30 14.92 9.99
C ARG A 46 39.84 15.31 10.16
N ILE A 47 39.31 15.15 11.37
CA ILE A 47 37.92 15.54 11.64
C ILE A 47 37.71 17.01 11.33
N GLN A 48 38.57 17.88 11.87
CA GLN A 48 38.40 19.31 11.62
C GLN A 48 38.42 19.61 10.12
N ASN A 49 39.31 18.95 9.38
CA ASN A 49 39.45 19.25 7.96
C ASN A 49 38.18 18.90 7.19
N LEU A 50 37.61 17.72 7.42
CA LEU A 50 36.36 17.37 6.77
C LEU A 50 35.26 18.34 7.16
N ARG A 51 35.14 18.65 8.45
CA ARG A 51 34.17 19.64 8.92
C ARG A 51 34.34 20.96 8.15
N ASN A 52 35.59 21.42 8.04
CA ASN A 52 35.84 22.66 7.30
C ASN A 52 35.36 22.55 5.86
N VAL A 53 35.70 21.43 5.21
CA VAL A 53 35.31 21.24 3.82
C VAL A 53 33.79 21.17 3.69
N MET A 54 33.14 20.43 4.60
CA MET A 54 31.69 20.36 4.57
C MET A 54 31.07 21.75 4.65
N SER A 55 31.53 22.58 5.59
CA SER A 55 30.99 23.92 5.72
C SER A 55 31.26 24.73 4.45
N LYS A 56 32.50 24.70 3.96
CA LYS A 56 32.87 25.53 2.82
C LYS A 56 32.13 25.12 1.55
N THR A 57 32.01 23.81 1.30
CA THR A 57 31.35 23.33 0.09
C THR A 57 29.86 23.07 0.26
N GLY A 58 29.40 22.88 1.50
CA GLY A 58 28.02 22.52 1.75
C GLY A 58 27.66 21.07 1.54
N LYS A 59 28.64 20.19 1.34
CA LYS A 59 28.37 18.77 1.26
C LYS A 59 28.26 18.17 2.66
N THR A 60 27.54 17.06 2.76
CA THR A 60 27.26 16.41 4.03
C THR A 60 27.91 15.03 4.03
N ALA A 61 28.48 14.66 5.19
CA ALA A 61 29.19 13.40 5.32
C ALA A 61 29.16 12.94 6.77
N ALA A 62 29.47 11.68 6.97
CA ALA A 62 29.47 11.09 8.30
C ALA A 62 30.89 10.73 8.71
N ILE A 63 31.07 10.54 10.02
CA ILE A 63 32.38 10.25 10.60
C ILE A 63 32.26 9.00 11.47
N LEU A 64 33.00 7.96 11.10
CA LEU A 64 32.98 6.68 11.79
C LEU A 64 34.33 6.45 12.47
N LEU A 65 34.29 6.14 13.76
CA LEU A 65 35.47 5.77 14.52
C LEU A 65 35.55 4.25 14.62
N ASP A 66 36.61 3.68 14.04
CA ASP A 66 36.86 2.24 14.12
C ASP A 66 37.92 1.98 15.19
N THR A 67 37.61 1.07 16.11
CA THR A 67 38.53 0.83 17.22
C THR A 67 39.67 -0.09 16.79
N LYS A 68 40.83 0.11 17.42
CA LYS A 68 41.91 -0.86 17.32
C LYS A 68 41.46 -2.23 17.80
N GLY A 69 40.83 -2.27 18.97
CA GLY A 69 40.29 -3.49 19.52
C GLY A 69 41.32 -4.30 20.28
N PRO A 70 40.84 -5.31 21.00
CA PRO A 70 41.74 -6.22 21.72
C PRO A 70 42.41 -7.19 20.75
N GLU A 71 43.38 -7.92 21.29
CA GLU A 71 44.35 -8.61 20.47
C GLU A 71 45.01 -9.73 21.26
N ILE A 72 45.51 -10.72 20.53
CA ILE A 72 46.49 -11.66 21.04
C ILE A 72 47.64 -11.70 20.04
N ARG A 73 48.86 -11.49 20.52
CA ARG A 73 50.05 -11.49 19.67
C ARG A 73 51.16 -12.32 20.30
N THR A 74 52.04 -12.84 19.45
CA THR A 74 53.30 -13.37 19.93
C THR A 74 54.23 -12.21 20.29
N MET A 75 55.41 -12.54 20.81
CA MET A 75 56.37 -11.52 21.24
C MET A 75 57.74 -11.80 20.62
N LYS A 76 58.80 -11.51 21.37
CA LYS A 76 60.14 -11.41 20.79
C LYS A 76 60.81 -12.76 20.65
N LEU A 77 61.79 -12.82 19.74
CA LEU A 77 62.64 -13.98 19.55
C LEU A 77 64.09 -13.62 19.83
N GLU A 78 64.91 -14.66 20.02
CA GLU A 78 66.34 -14.46 20.24
C GLU A 78 66.95 -13.76 19.04
N GLY A 79 67.67 -12.67 19.31
CA GLY A 79 68.32 -11.90 18.27
C GLY A 79 67.34 -11.28 17.29
N GLY A 80 66.06 -11.33 17.62
CA GLY A 80 65.04 -10.89 16.69
C GLY A 80 65.02 -11.65 15.39
N ASN A 81 65.53 -12.87 15.38
CA ASN A 81 65.73 -13.64 14.16
C ASN A 81 64.54 -14.56 13.93
N ASP A 82 63.99 -14.52 12.72
CA ASP A 82 62.97 -15.48 12.33
C ASP A 82 63.46 -16.90 12.63
N VAL A 83 62.55 -17.74 13.10
CA VAL A 83 62.85 -19.14 13.37
C VAL A 83 61.99 -19.99 12.43
N SER A 84 62.50 -21.17 12.08
CA SER A 84 61.83 -22.06 11.16
C SER A 84 61.19 -23.19 11.97
N LEU A 85 59.87 -23.34 11.84
CA LEU A 85 59.15 -24.38 12.56
C LEU A 85 58.81 -25.51 11.62
N LYS A 86 58.97 -26.73 12.10
CA LYS A 86 58.83 -27.93 11.29
C LYS A 86 57.55 -28.66 11.65
N ALA A 87 56.74 -28.96 10.65
CA ALA A 87 55.51 -29.71 10.86
C ALA A 87 55.82 -30.96 11.66
N GLY A 88 54.98 -31.22 12.67
CA GLY A 88 55.15 -32.34 13.56
C GLY A 88 55.90 -32.03 14.83
N GLN A 89 56.66 -30.94 14.86
CA GLN A 89 57.45 -30.63 16.03
C GLN A 89 56.56 -30.21 17.19
N THR A 90 57.06 -30.42 18.41
CA THR A 90 56.44 -29.83 19.59
C THR A 90 56.80 -28.36 19.66
N PHE A 91 55.85 -27.55 20.14
CA PHE A 91 56.04 -26.10 20.24
C PHE A 91 55.15 -25.56 21.35
N THR A 92 55.65 -24.54 22.05
CA THR A 92 55.05 -24.09 23.30
C THR A 92 54.84 -22.58 23.31
N PHE A 93 53.69 -22.16 23.85
CA PHE A 93 53.39 -20.77 24.12
C PHE A 93 53.41 -20.51 25.62
N THR A 94 53.98 -19.38 26.04
CA THR A 94 54.05 -19.02 27.45
C THR A 94 53.43 -17.66 27.71
N THR A 95 52.78 -17.54 28.87
CA THR A 95 52.18 -16.29 29.31
C THR A 95 53.21 -15.30 29.85
N ASP A 96 54.31 -15.79 30.41
CA ASP A 96 55.36 -14.94 30.96
C ASP A 96 55.93 -14.02 29.89
N LYS A 97 55.64 -12.72 29.99
CA LYS A 97 56.01 -11.78 28.95
C LYS A 97 57.52 -11.52 28.91
N SER A 98 58.25 -11.85 29.97
CA SER A 98 59.70 -11.64 29.99
C SER A 98 60.46 -12.62 29.11
N VAL A 99 59.80 -13.66 28.59
CA VAL A 99 60.49 -14.74 27.92
C VAL A 99 60.79 -14.36 26.47
N ILE A 100 62.04 -14.54 26.08
CA ILE A 100 62.45 -14.42 24.69
C ILE A 100 62.36 -15.78 24.02
N GLY A 101 61.87 -15.82 22.79
CA GLY A 101 61.49 -17.05 22.14
C GLY A 101 62.58 -17.61 21.23
N ASN A 102 62.32 -18.84 20.77
CA ASN A 102 63.19 -19.56 19.87
C ASN A 102 62.34 -20.61 19.16
N SER A 103 62.99 -21.52 18.44
CA SER A 103 62.25 -22.49 17.64
C SER A 103 61.48 -23.49 18.49
N GLU A 104 61.52 -23.37 19.82
CA GLU A 104 60.84 -24.29 20.72
C GLU A 104 59.71 -23.66 21.51
N MET A 105 59.76 -22.34 21.75
CA MET A 105 58.66 -21.67 22.43
C MET A 105 58.78 -20.16 22.23
N VAL A 106 57.66 -19.47 22.50
CA VAL A 106 57.56 -18.03 22.37
C VAL A 106 56.51 -17.56 23.37
N ALA A 107 56.56 -16.28 23.72
CA ALA A 107 55.61 -15.71 24.67
C ALA A 107 54.45 -15.04 23.94
N VAL A 108 53.35 -14.84 24.68
CA VAL A 108 52.16 -14.18 24.14
C VAL A 108 51.68 -13.12 25.12
N THR A 109 50.97 -12.13 24.57
CA THR A 109 50.58 -10.95 25.33
C THR A 109 49.39 -11.17 26.26
N TYR A 110 48.64 -12.25 26.07
CA TYR A 110 47.36 -12.44 26.74
C TYR A 110 47.56 -13.41 27.90
N GLU A 111 47.41 -12.91 29.12
CA GLU A 111 47.60 -13.75 30.30
C GLU A 111 46.58 -14.88 30.35
N GLY A 112 45.41 -14.67 29.75
CA GLY A 112 44.37 -15.69 29.76
C GLY A 112 44.48 -16.68 28.63
N PHE A 113 45.66 -16.73 27.99
CA PHE A 113 45.88 -17.64 26.88
C PHE A 113 45.77 -19.08 27.35
N THR A 114 46.35 -19.39 28.52
CA THR A 114 46.31 -20.72 29.12
C THR A 114 44.94 -21.09 29.67
N THR A 115 44.00 -20.15 29.75
CA THR A 115 42.70 -20.41 30.35
C THR A 115 41.61 -20.63 29.28
N ASP A 116 41.45 -19.67 28.38
CA ASP A 116 40.40 -19.72 27.37
C ASP A 116 40.52 -20.92 26.45
N LEU A 117 41.68 -21.55 26.41
CA LEU A 117 42.04 -22.51 25.38
C LEU A 117 42.05 -23.91 25.98
N SER A 118 41.53 -24.87 25.22
CA SER A 118 41.38 -26.25 25.69
C SER A 118 42.27 -27.17 24.85
N VAL A 119 42.51 -28.36 25.40
CA VAL A 119 43.36 -29.33 24.71
C VAL A 119 42.66 -29.79 23.46
N GLY A 120 43.35 -29.71 22.33
CA GLY A 120 42.80 -30.04 21.05
C GLY A 120 42.36 -28.86 20.22
N ASN A 121 42.13 -27.70 20.84
CA ASN A 121 41.81 -26.51 20.07
C ASN A 121 42.94 -26.17 19.11
N THR A 122 42.59 -25.44 18.07
CA THR A 122 43.56 -25.05 17.04
C THR A 122 44.01 -23.62 17.29
N VAL A 123 45.30 -23.39 17.11
CA VAL A 123 45.92 -22.08 17.26
C VAL A 123 46.52 -21.69 15.93
N LEU A 124 46.25 -20.46 15.49
CA LEU A 124 46.82 -19.92 14.25
C LEU A 124 47.68 -18.72 14.56
N VAL A 125 48.77 -18.57 13.81
CA VAL A 125 49.76 -17.52 14.02
C VAL A 125 50.06 -16.84 12.69
N ASP A 126 50.06 -15.51 12.70
CA ASP A 126 50.38 -14.68 11.53
C ASP A 126 49.36 -14.89 10.40
N ASP A 127 48.11 -14.55 10.70
CA ASP A 127 47.01 -14.71 9.75
C ASP A 127 46.97 -16.13 9.18
N GLY A 128 47.12 -17.11 10.06
CA GLY A 128 46.97 -18.49 9.67
C GLY A 128 48.14 -19.08 8.92
N LEU A 129 49.23 -18.31 8.74
CA LEU A 129 50.42 -18.85 8.09
C LEU A 129 50.80 -20.20 8.67
N ILE A 130 50.82 -20.28 10.00
CA ILE A 130 51.20 -21.49 10.72
C ILE A 130 50.03 -21.91 11.61
N GLY A 131 49.77 -23.20 11.67
CA GLY A 131 48.72 -23.74 12.50
C GLY A 131 49.29 -24.75 13.47
N MET A 132 48.68 -24.84 14.64
CA MET A 132 49.15 -25.71 15.71
C MET A 132 47.96 -26.29 16.45
N GLU A 133 48.18 -27.44 17.09
CA GLU A 133 47.15 -28.11 17.87
C GLU A 133 47.64 -28.28 19.30
N VAL A 134 46.81 -27.87 20.26
CA VAL A 134 47.18 -27.97 21.67
C VAL A 134 47.15 -29.43 22.11
N THR A 135 48.23 -29.88 22.75
CA THR A 135 48.32 -31.24 23.28
C THR A 135 48.26 -31.31 24.80
N ALA A 136 48.62 -30.25 25.52
CA ALA A 136 48.52 -30.21 26.97
C ALA A 136 48.69 -28.77 27.44
N ILE A 137 48.27 -28.52 28.68
CA ILE A 137 48.33 -27.19 29.29
C ILE A 137 48.89 -27.33 30.69
N GLU A 138 50.07 -26.76 30.93
CA GLU A 138 50.77 -26.88 32.20
C GLU A 138 51.04 -25.47 32.76
N GLY A 139 50.21 -25.06 33.71
CA GLY A 139 50.37 -23.77 34.36
C GLY A 139 50.31 -22.61 33.39
N ASN A 140 51.44 -21.98 33.14
CA ASN A 140 51.53 -20.85 32.22
C ASN A 140 52.08 -21.26 30.86
N LYS A 141 52.16 -22.54 30.59
CA LYS A 141 52.61 -23.07 29.32
C LYS A 141 51.43 -23.71 28.59
N VAL A 142 51.38 -23.49 27.28
CA VAL A 142 50.43 -24.13 26.38
C VAL A 142 51.23 -24.88 25.33
N ILE A 143 51.10 -26.20 25.32
CA ILE A 143 51.99 -27.07 24.57
C ILE A 143 51.26 -27.55 23.32
N CYS A 144 51.95 -27.52 22.18
CA CYS A 144 51.32 -27.82 20.91
C CYS A 144 52.20 -28.71 20.04
N LYS A 145 51.54 -29.35 19.08
CA LYS A 145 52.19 -30.01 17.95
C LYS A 145 51.95 -29.13 16.73
N VAL A 146 53.02 -28.72 16.04
CA VAL A 146 52.87 -27.90 14.85
C VAL A 146 52.27 -28.75 13.73
N LEU A 147 51.54 -28.09 12.84
CA LEU A 147 50.79 -28.78 11.78
C LEU A 147 51.30 -28.49 10.38
N ASN A 148 52.07 -27.43 10.17
CA ASN A 148 52.67 -27.20 8.87
C ASN A 148 53.98 -26.44 9.05
N ASN A 149 54.85 -26.59 8.06
CA ASN A 149 56.10 -25.86 8.03
C ASN A 149 55.87 -24.38 7.77
N GLY A 150 56.68 -23.55 8.39
CA GLY A 150 56.59 -22.11 8.19
C GLY A 150 57.51 -21.33 9.10
N ASP A 151 57.87 -20.11 8.69
CA ASP A 151 58.78 -19.28 9.46
C ASP A 151 57.99 -18.34 10.38
N LEU A 152 58.28 -18.41 11.67
CA LEU A 152 57.65 -17.56 12.66
C LEU A 152 58.49 -16.31 12.87
N GLY A 153 57.82 -15.15 12.85
CA GLY A 153 58.47 -13.89 13.11
C GLY A 153 58.15 -13.34 14.50
N GLU A 154 58.52 -12.08 14.69
CA GLU A 154 58.25 -11.38 15.94
C GLU A 154 56.87 -10.72 15.89
N ASN A 155 56.20 -10.69 17.04
CA ASN A 155 55.00 -9.88 17.23
C ASN A 155 53.98 -10.14 16.12
N LYS A 156 53.57 -11.40 16.04
CA LYS A 156 52.63 -11.88 15.03
C LYS A 156 51.25 -12.07 15.64
N GLY A 157 50.24 -11.81 14.84
CA GLY A 157 48.87 -11.96 15.30
C GLY A 157 48.52 -13.40 15.60
N VAL A 158 47.52 -13.57 16.45
CA VAL A 158 47.06 -14.89 16.88
C VAL A 158 45.55 -14.97 16.77
N ASN A 159 45.07 -16.08 16.22
CA ASN A 159 43.66 -16.39 16.10
C ASN A 159 43.43 -17.76 16.74
N LEU A 160 42.27 -17.92 17.38
CA LEU A 160 41.89 -19.17 18.03
C LEU A 160 40.54 -19.57 17.46
N PRO A 161 40.53 -20.24 16.30
CA PRO A 161 39.25 -20.48 15.63
C PRO A 161 38.31 -21.27 16.52
N GLY A 162 37.03 -20.90 16.47
CA GLY A 162 36.04 -21.55 17.32
C GLY A 162 36.41 -21.60 18.79
N VAL A 163 36.96 -20.51 19.32
CA VAL A 163 37.32 -20.46 20.73
C VAL A 163 36.69 -19.24 21.38
N SER A 164 36.14 -19.44 22.58
CA SER A 164 35.52 -18.37 23.36
C SER A 164 36.64 -17.62 24.06
N ILE A 165 37.10 -16.55 23.43
CA ILE A 165 38.19 -15.73 23.98
C ILE A 165 37.61 -14.76 25.00
N ALA A 166 38.26 -14.68 26.17
CA ALA A 166 37.76 -13.93 27.31
C ALA A 166 38.41 -12.55 27.42
N LEU A 167 38.82 -11.96 26.29
CA LEU A 167 39.23 -10.58 26.29
C LEU A 167 38.02 -9.70 26.65
N PRO A 168 38.27 -8.46 27.09
CA PRO A 168 37.15 -7.56 27.38
C PRO A 168 36.56 -7.00 26.09
N ALA A 169 35.31 -6.52 26.19
CA ALA A 169 34.70 -5.89 25.03
C ALA A 169 35.57 -4.76 24.51
N LEU A 170 36.15 -3.99 25.42
CA LEU A 170 36.94 -2.82 25.09
C LEU A 170 38.32 -2.92 25.74
N ALA A 171 39.36 -2.80 24.94
CA ALA A 171 40.67 -2.52 25.48
C ALA A 171 40.66 -1.16 26.16
N GLU A 172 41.61 -0.93 27.06
CA GLU A 172 41.67 0.35 27.80
C GLU A 172 41.93 1.45 26.79
N LYS A 173 42.69 1.20 25.73
CA LYS A 173 42.85 2.18 24.65
C LYS A 173 41.53 2.46 23.97
N ASP A 174 40.70 1.43 23.81
CA ASP A 174 39.39 1.60 23.20
C ASP A 174 38.51 2.51 24.04
N LYS A 175 38.57 2.37 25.36
CA LYS A 175 37.77 3.23 26.22
C LYS A 175 38.18 4.70 26.06
N GLN A 176 39.47 4.98 26.19
N GLN A 176 39.48 5.00 26.11
CA GLN A 176 39.98 6.32 25.91
CA GLN A 176 39.88 6.38 25.95
C GLN A 176 39.48 6.80 24.56
C GLN A 176 39.67 6.87 24.52
N ASP A 177 39.67 5.98 23.53
CA ASP A 177 39.37 6.40 22.16
C ASP A 177 37.89 6.68 21.98
N LEU A 178 37.03 5.91 22.63
CA LEU A 178 35.59 6.16 22.53
C LEU A 178 35.22 7.47 23.20
N ILE A 179 35.84 7.77 24.35
CA ILE A 179 35.67 9.07 24.98
C ILE A 179 36.04 10.18 24.00
N PHE A 180 37.15 9.99 23.28
CA PHE A 180 37.53 10.96 22.25
C PHE A 180 36.43 11.13 21.22
N GLY A 181 35.77 10.03 20.84
CA GLY A 181 34.71 10.11 19.85
C GLY A 181 33.49 10.83 20.36
N CYS A 182 33.26 10.78 21.67
CA CYS A 182 32.21 11.61 22.27
C CYS A 182 32.58 13.08 22.21
N GLU A 183 33.82 13.42 22.60
CA GLU A 183 34.27 14.80 22.54
C GLU A 183 34.08 15.35 21.13
N GLN A 184 34.47 14.58 20.12
CA GLN A 184 34.41 14.99 18.72
C GLN A 184 33.02 14.90 18.12
N GLY A 185 32.08 14.24 18.79
CA GLY A 185 30.75 14.14 18.24
C GLY A 185 30.73 13.34 16.94
N VAL A 186 31.34 12.16 16.97
CA VAL A 186 31.35 11.30 15.79
C VAL A 186 29.93 10.77 15.58
N ASP A 187 29.69 10.16 14.44
CA ASP A 187 28.37 9.65 14.09
C ASP A 187 28.27 8.15 14.25
N PHE A 188 29.37 7.41 14.07
CA PHE A 188 29.37 5.97 14.29
C PHE A 188 30.63 5.55 15.04
N VAL A 189 30.50 4.47 15.81
CA VAL A 189 31.64 3.74 16.34
C VAL A 189 31.58 2.31 15.80
N ALA A 190 32.65 1.89 15.13
CA ALA A 190 32.80 0.50 14.72
C ALA A 190 33.59 -0.22 15.81
N ALA A 191 32.91 -1.07 16.57
CA ALA A 191 33.49 -1.74 17.74
C ALA A 191 34.05 -3.10 17.33
N SER A 192 35.35 -3.29 17.56
CA SER A 192 36.03 -4.49 17.10
C SER A 192 35.71 -5.72 17.94
N PHE A 193 35.76 -6.89 17.28
CA PHE A 193 35.81 -8.19 17.94
C PHE A 193 34.58 -8.44 18.79
N ILE A 194 33.41 -8.05 18.28
CA ILE A 194 32.17 -8.26 18.99
C ILE A 194 31.83 -9.75 18.99
N ARG A 195 31.62 -10.30 20.18
CA ARG A 195 31.41 -11.74 20.36
C ARG A 195 30.08 -12.09 21.05
N LYS A 196 29.57 -11.23 21.92
CA LYS A 196 28.44 -11.54 22.77
C LYS A 196 27.54 -10.33 22.85
N ARG A 197 26.30 -10.52 23.23
CA ARG A 197 25.50 -9.32 23.44
C ARG A 197 26.04 -8.45 24.61
N SER A 198 26.62 -9.09 25.62
CA SER A 198 27.20 -8.34 26.73
C SER A 198 28.20 -7.30 26.24
N ASP A 199 28.98 -7.64 25.21
CA ASP A 199 30.00 -6.70 24.72
C ASP A 199 29.34 -5.43 24.17
N VAL A 200 28.31 -5.60 23.34
CA VAL A 200 27.61 -4.44 22.81
C VAL A 200 27.06 -3.58 23.93
N ILE A 201 26.45 -4.20 24.94
CA ILE A 201 25.90 -3.44 26.05
C ILE A 201 27.00 -2.70 26.79
N GLU A 202 28.10 -3.38 27.09
CA GLU A 202 29.22 -2.74 27.76
C GLU A 202 29.62 -1.46 27.03
N ILE A 203 29.56 -1.50 25.69
CA ILE A 203 29.93 -0.35 24.88
C ILE A 203 28.84 0.71 24.88
N ARG A 204 27.57 0.27 24.81
CA ARG A 204 26.46 1.22 24.85
C ARG A 204 26.44 1.97 26.18
N GLU A 205 26.75 1.28 27.27
CA GLU A 205 26.82 1.98 28.56
C GLU A 205 28.01 2.92 28.61
N HIS A 206 29.13 2.51 28.03
CA HIS A 206 30.29 3.40 27.97
C HIS A 206 29.97 4.69 27.23
N LEU A 207 29.31 4.61 26.08
CA LEU A 207 29.03 5.82 25.32
C LEU A 207 27.97 6.67 26.01
N LYS A 208 27.01 6.03 26.68
CA LYS A 208 25.99 6.79 27.39
C LYS A 208 26.60 7.58 28.56
N ALA A 209 27.63 7.05 29.19
CA ALA A 209 28.25 7.71 30.33
C ALA A 209 29.13 8.88 29.95
N HIS A 210 29.33 9.12 28.65
CA HIS A 210 30.18 10.21 28.18
C HIS A 210 29.46 11.03 27.11
N GLY A 211 28.13 11.00 27.11
CA GLY A 211 27.36 11.83 26.21
C GLY A 211 27.29 11.35 24.78
N GLY A 212 27.56 10.07 24.53
CA GLY A 212 27.44 9.53 23.19
C GLY A 212 26.25 8.61 23.01
N GLU A 213 25.20 8.80 23.82
CA GLU A 213 24.02 7.94 23.73
C GLU A 213 23.42 7.95 22.33
N ASN A 214 23.70 8.98 21.53
CA ASN A 214 23.14 9.11 20.19
C ASN A 214 24.12 8.65 19.12
N ILE A 215 25.23 8.03 19.52
CA ILE A 215 26.21 7.49 18.59
C ILE A 215 25.82 6.06 18.25
N HIS A 216 25.77 5.76 16.95
CA HIS A 216 25.39 4.43 16.50
C HIS A 216 26.57 3.47 16.58
N ILE A 217 26.34 2.33 17.20
CA ILE A 217 27.37 1.30 17.32
C ILE A 217 27.27 0.36 16.12
N ILE A 218 28.37 0.22 15.39
CA ILE A 218 28.49 -0.78 14.33
C ILE A 218 29.38 -1.90 14.88
N SER A 219 28.83 -3.09 15.01
CA SER A 219 29.55 -4.22 15.59
C SER A 219 30.28 -4.98 14.49
N LYS A 220 31.60 -5.14 14.65
CA LYS A 220 32.46 -5.87 13.72
C LYS A 220 32.42 -7.34 14.08
N ILE A 221 31.88 -8.16 13.17
CA ILE A 221 31.89 -9.62 13.32
C ILE A 221 33.19 -10.13 12.72
N GLU A 222 34.04 -10.70 13.57
CA GLU A 222 35.39 -11.10 13.17
C GLU A 222 35.72 -12.56 13.43
N ASN A 223 34.83 -13.34 14.03
CA ASN A 223 35.19 -14.70 14.45
C ASN A 223 33.93 -15.52 14.69
N GLN A 224 34.14 -16.79 15.04
CA GLN A 224 33.05 -17.76 15.12
C GLN A 224 32.11 -17.46 16.28
N GLU A 225 32.65 -16.98 17.40
CA GLU A 225 31.79 -16.71 18.56
C GLU A 225 30.78 -15.63 18.24
N GLY A 226 31.23 -14.50 17.67
CA GLY A 226 30.30 -13.47 17.27
C GLY A 226 29.36 -13.94 16.18
N LEU A 227 29.85 -14.80 15.29
CA LEU A 227 28.98 -15.38 14.27
C LEU A 227 27.90 -16.24 14.89
N ASN A 228 28.27 -17.05 15.90
CA ASN A 228 27.29 -17.89 16.57
C ASN A 228 26.26 -17.04 17.29
N ASN A 229 26.68 -15.92 17.87
CA ASN A 229 25.81 -15.03 18.63
C ASN A 229 25.30 -13.87 17.79
N PHE A 230 25.27 -14.03 16.47
CA PHE A 230 24.97 -12.90 15.61
C PHE A 230 23.59 -12.32 15.90
N ASP A 231 22.58 -13.18 16.04
CA ASP A 231 21.21 -12.67 16.19
C ASP A 231 21.10 -11.72 17.36
N GLU A 232 21.75 -12.03 18.48
CA GLU A 232 21.62 -11.18 19.66
C GLU A 232 22.53 -9.98 19.58
N ILE A 233 23.69 -10.11 18.93
CA ILE A 233 24.56 -8.98 18.69
C ILE A 233 23.89 -7.96 17.78
N LEU A 234 23.19 -8.44 16.75
CA LEU A 234 22.45 -7.55 15.87
C LEU A 234 21.39 -6.78 16.64
N GLU A 235 20.64 -7.47 17.50
CA GLU A 235 19.55 -6.82 18.22
C GLU A 235 20.04 -5.65 19.04
N ALA A 236 21.19 -5.81 19.69
CA ALA A 236 21.72 -4.79 20.59
C ALA A 236 22.42 -3.66 19.86
N SER A 237 22.84 -3.89 18.62
CA SER A 237 23.64 -2.96 17.84
C SER A 237 22.77 -2.16 16.89
N ASP A 238 23.30 -1.03 16.42
CA ASP A 238 22.65 -0.23 15.40
C ASP A 238 22.98 -0.70 13.99
N GLY A 239 24.04 -1.50 13.82
CA GLY A 239 24.45 -1.97 12.52
C GLY A 239 25.55 -3.00 12.65
N ILE A 240 25.97 -3.54 11.51
CA ILE A 240 27.00 -4.58 11.47
C ILE A 240 28.06 -4.22 10.43
N MET A 241 29.32 -4.50 10.77
CA MET A 241 30.43 -4.46 9.81
C MET A 241 30.97 -5.87 9.67
N VAL A 242 30.98 -6.39 8.45
CA VAL A 242 31.44 -7.76 8.20
C VAL A 242 32.93 -7.73 7.86
N ALA A 243 33.75 -8.34 8.72
CA ALA A 243 35.19 -8.39 8.51
C ALA A 243 35.50 -9.73 7.84
N ARG A 244 35.23 -9.77 6.53
CA ARG A 244 35.31 -11.03 5.81
C ARG A 244 36.70 -11.65 5.90
N GLY A 245 37.74 -10.84 5.67
CA GLY A 245 39.09 -11.37 5.67
C GLY A 245 39.49 -11.96 7.00
N ASP A 246 39.10 -11.31 8.10
CA ASP A 246 39.38 -11.83 9.43
C ASP A 246 38.56 -13.09 9.70
N LEU A 247 37.38 -13.22 9.10
CA LEU A 247 36.62 -14.46 9.22
C LEU A 247 37.25 -15.60 8.41
N GLY A 248 37.87 -15.30 7.26
CA GLY A 248 38.54 -16.34 6.51
C GLY A 248 39.55 -17.12 7.32
N VAL A 249 40.10 -16.48 8.36
CA VAL A 249 41.09 -17.13 9.21
C VAL A 249 40.39 -17.99 10.27
N GLU A 250 39.26 -17.51 10.80
CA GLU A 250 38.66 -18.13 11.97
C GLU A 250 37.66 -19.22 11.64
N ILE A 251 37.10 -19.23 10.44
CA ILE A 251 36.12 -20.27 10.09
C ILE A 251 36.53 -20.93 8.78
N PRO A 252 35.84 -21.99 8.35
CA PRO A 252 36.18 -22.63 7.07
C PRO A 252 35.88 -21.73 5.88
N VAL A 253 36.80 -21.71 4.92
CA VAL A 253 36.66 -20.83 3.76
C VAL A 253 35.30 -21.03 3.10
N GLU A 254 34.90 -22.28 2.90
CA GLU A 254 33.67 -22.57 2.17
C GLU A 254 32.46 -21.88 2.80
N GLU A 255 32.59 -21.40 4.04
CA GLU A 255 31.48 -20.87 4.81
C GLU A 255 31.43 -19.34 4.82
N VAL A 256 32.48 -18.67 4.37
CA VAL A 256 32.55 -17.22 4.53
C VAL A 256 31.51 -16.51 3.69
N ILE A 257 31.38 -16.91 2.42
CA ILE A 257 30.42 -16.24 1.55
C ILE A 257 29.03 -16.30 2.15
N PHE A 258 28.65 -17.45 2.71
CA PHE A 258 27.31 -17.61 3.24
C PHE A 258 27.14 -16.98 4.61
N ALA A 259 28.23 -16.81 5.35
CA ALA A 259 28.17 -16.04 6.58
C ALA A 259 27.85 -14.58 6.29
N GLN A 260 28.54 -14.01 5.30
CA GLN A 260 28.26 -12.64 4.85
C GLN A 260 26.82 -12.51 4.36
N LYS A 261 26.36 -13.48 3.57
CA LYS A 261 25.01 -13.40 3.01
C LYS A 261 23.96 -13.57 4.12
N MET A 262 24.16 -14.53 5.02
CA MET A 262 23.24 -14.68 6.15
C MET A 262 23.11 -13.36 6.90
N MET A 263 24.24 -12.71 7.17
CA MET A 263 24.21 -11.51 7.99
C MET A 263 23.61 -10.32 7.24
N PHE A 264 23.92 -10.18 5.95
CA PHE A 264 23.33 -9.07 5.20
C PHE A 264 21.80 -9.14 5.24
N GLU A 265 21.25 -10.31 4.91
CA GLU A 265 19.80 -10.47 4.92
C GLU A 265 19.23 -10.06 6.28
N LYS A 266 19.85 -10.53 7.35
CA LYS A 266 19.32 -10.29 8.69
C LYS A 266 19.44 -8.82 9.08
N CYS A 267 20.49 -8.12 8.62
CA CYS A 267 20.56 -6.68 8.86
C CYS A 267 19.51 -5.91 8.06
N ILE A 268 19.30 -6.29 6.80
CA ILE A 268 18.29 -5.63 6.00
C ILE A 268 16.93 -5.80 6.64
N ARG A 269 16.61 -7.02 7.07
CA ARG A 269 15.33 -7.30 7.70
C ARG A 269 15.12 -6.41 8.92
N ALA A 270 16.19 -6.10 9.65
CA ALA A 270 16.10 -5.36 10.90
C ALA A 270 16.13 -3.85 10.72
N ARG A 271 16.30 -3.37 9.48
CA ARG A 271 16.37 -1.94 9.19
C ARG A 271 17.63 -1.31 9.76
N LYS A 272 18.72 -2.06 9.77
CA LYS A 272 20.00 -1.61 10.29
C LYS A 272 21.04 -1.75 9.18
N VAL A 273 22.04 -0.88 9.21
CA VAL A 273 22.97 -0.75 8.10
C VAL A 273 24.02 -1.85 8.21
N VAL A 274 24.59 -2.21 7.07
CA VAL A 274 25.67 -3.18 7.05
C VAL A 274 26.76 -2.66 6.12
N ILE A 275 28.00 -2.96 6.47
CA ILE A 275 29.18 -2.47 5.75
C ILE A 275 30.00 -3.66 5.30
N THR A 276 30.41 -3.65 4.04
CA THR A 276 31.39 -4.60 3.52
C THR A 276 32.77 -4.02 3.80
N ALA A 277 33.53 -4.66 4.69
CA ALA A 277 34.85 -4.19 5.08
C ALA A 277 35.90 -5.26 4.82
N THR A 278 37.14 -4.79 4.66
CA THR A 278 38.30 -5.65 4.41
C THR A 278 38.34 -6.25 3.01
N GLN A 279 39.57 -6.46 2.50
CA GLN A 279 39.85 -7.14 1.23
C GLN A 279 38.94 -6.68 0.11
N MET A 280 38.82 -5.37 -0.04
CA MET A 280 38.00 -4.79 -1.11
C MET A 280 38.87 -4.64 -2.36
N LEU A 281 39.78 -3.67 -2.34
CA LEU A 281 40.62 -3.34 -3.49
C LEU A 281 42.07 -3.19 -3.07
N ASP A 282 42.55 -4.09 -2.21
CA ASP A 282 43.88 -3.89 -1.61
C ASP A 282 44.97 -3.79 -2.66
N SER A 283 44.76 -4.38 -3.84
CA SER A 283 45.76 -4.28 -4.91
C SER A 283 45.99 -2.84 -5.32
N MET A 284 45.06 -1.94 -5.02
CA MET A 284 45.17 -0.54 -5.40
C MET A 284 46.02 0.25 -4.44
N ILE A 285 46.57 -0.40 -3.41
CA ILE A 285 47.61 0.25 -2.60
C ILE A 285 48.84 0.51 -3.47
N LYS A 286 49.20 -0.46 -4.31
CA LYS A 286 50.37 -0.33 -5.17
C LYS A 286 50.02 0.06 -6.60
N ASN A 287 48.84 -0.33 -7.09
CA ASN A 287 48.50 -0.26 -8.51
C ASN A 287 47.27 0.60 -8.78
N PRO A 288 47.21 1.26 -9.94
CA PRO A 288 46.11 2.20 -10.22
C PRO A 288 44.86 1.58 -10.85
N ARG A 289 44.85 0.26 -11.10
CA ARG A 289 43.68 -0.44 -11.59
C ARG A 289 43.50 -1.66 -10.71
N PRO A 290 42.28 -1.97 -10.29
CA PRO A 290 42.06 -3.18 -9.49
C PRO A 290 42.07 -4.42 -10.38
N THR A 291 42.14 -5.58 -9.72
CA THR A 291 41.97 -6.84 -10.42
C THR A 291 40.50 -7.09 -10.71
N ARG A 292 40.24 -7.92 -11.72
CA ARG A 292 38.88 -8.39 -11.93
C ARG A 292 38.27 -8.93 -10.65
N ALA A 293 38.96 -9.87 -10.01
CA ALA A 293 38.45 -10.51 -8.80
C ALA A 293 37.99 -9.50 -7.76
N GLU A 294 38.72 -8.41 -7.60
CA GLU A 294 38.36 -7.41 -6.60
C GLU A 294 37.04 -6.75 -6.97
N ALA A 295 36.92 -6.27 -8.21
CA ALA A 295 35.70 -5.60 -8.63
C ALA A 295 34.50 -6.53 -8.57
N GLY A 296 34.70 -7.83 -8.83
CA GLY A 296 33.60 -8.76 -8.77
C GLY A 296 33.20 -9.08 -7.34
N ASP A 297 34.16 -9.10 -6.42
CA ASP A 297 33.84 -9.30 -5.01
C ASP A 297 32.99 -8.16 -4.49
N VAL A 298 33.38 -6.92 -4.81
CA VAL A 298 32.61 -5.76 -4.39
C VAL A 298 31.20 -5.83 -4.98
N ALA A 299 31.11 -6.08 -6.28
CA ALA A 299 29.81 -6.08 -6.94
C ALA A 299 28.88 -7.15 -6.34
N ASN A 300 29.42 -8.33 -6.03
CA ASN A 300 28.59 -9.35 -5.41
C ASN A 300 28.18 -8.95 -4.00
N ALA A 301 29.06 -8.26 -3.27
CA ALA A 301 28.69 -7.76 -1.95
C ALA A 301 27.55 -6.75 -2.07
N ILE A 302 27.60 -5.90 -3.11
CA ILE A 302 26.51 -4.95 -3.33
C ILE A 302 25.24 -5.69 -3.74
N LEU A 303 25.35 -6.71 -4.60
CA LEU A 303 24.18 -7.50 -4.96
C LEU A 303 23.66 -8.28 -3.76
N ASP A 304 24.53 -8.64 -2.82
CA ASP A 304 24.08 -9.23 -1.56
C ASP A 304 23.29 -8.25 -0.70
N GLY A 305 23.35 -6.96 -1.02
CA GLY A 305 22.51 -5.98 -0.39
C GLY A 305 23.18 -5.08 0.64
N THR A 306 24.48 -4.85 0.53
CA THR A 306 25.18 -4.06 1.54
C THR A 306 24.76 -2.60 1.45
N ASP A 307 24.71 -1.94 2.60
CA ASP A 307 24.51 -0.50 2.58
C ASP A 307 25.72 0.23 2.02
N ALA A 308 26.92 -0.19 2.43
CA ALA A 308 28.12 0.57 2.12
C ALA A 308 29.30 -0.36 1.94
N VAL A 309 30.25 0.10 1.12
CA VAL A 309 31.53 -0.55 0.93
C VAL A 309 32.60 0.35 1.52
N MET A 310 33.65 -0.26 2.05
CA MET A 310 34.64 0.45 2.82
C MET A 310 36.02 0.25 2.21
N LEU A 311 36.79 1.34 2.11
CA LEU A 311 38.17 1.28 1.65
C LEU A 311 39.11 1.54 2.82
N SER A 312 40.14 0.70 2.93
CA SER A 312 41.10 0.78 4.02
C SER A 312 42.51 0.65 3.44
N GLY A 313 43.36 1.63 3.70
CA GLY A 313 44.69 1.56 3.12
C GLY A 313 44.69 1.99 1.68
N GLU A 314 43.82 1.39 0.87
CA GLU A 314 43.60 1.90 -0.47
C GLU A 314 43.42 3.41 -0.46
N SER A 315 42.73 3.92 0.56
CA SER A 315 42.51 5.36 0.71
C SER A 315 43.42 5.99 1.76
N ALA A 316 43.92 5.21 2.72
CA ALA A 316 44.68 5.79 3.81
C ALA A 316 46.13 6.00 3.44
N LYS A 317 46.86 4.91 3.19
CA LYS A 317 48.30 4.98 2.93
C LYS A 317 48.66 4.52 1.52
N GLY A 318 47.72 4.51 0.64
CA GLY A 318 47.97 3.99 -0.69
C GLY A 318 48.47 5.03 -1.62
N LYS A 319 48.96 4.57 -2.76
CA LYS A 319 49.53 5.44 -3.79
C LYS A 319 48.48 5.96 -4.75
N TYR A 320 47.28 5.38 -4.76
CA TYR A 320 46.24 5.76 -5.72
C TYR A 320 44.90 5.85 -5.01
N PRO A 321 44.76 6.77 -4.05
CA PRO A 321 43.49 6.87 -3.31
C PRO A 321 42.33 7.36 -4.17
N LEU A 322 42.49 8.48 -4.87
CA LEU A 322 41.39 9.00 -5.67
C LEU A 322 40.97 8.04 -6.77
N GLU A 323 41.91 7.23 -7.25
CA GLU A 323 41.59 6.26 -8.30
C GLU A 323 40.75 5.12 -7.75
N ALA A 324 41.06 4.66 -6.53
CA ALA A 324 40.26 3.60 -5.91
C ALA A 324 38.84 4.07 -5.62
N VAL A 325 38.70 5.25 -5.02
CA VAL A 325 37.36 5.79 -4.77
C VAL A 325 36.57 5.89 -6.07
N SER A 326 37.24 6.28 -7.16
CA SER A 326 36.52 6.51 -8.41
C SER A 326 36.04 5.20 -9.01
N ILE A 327 36.91 4.18 -9.07
CA ILE A 327 36.48 2.89 -9.59
C ILE A 327 35.50 2.23 -8.62
N MET A 328 35.66 2.47 -7.32
CA MET A 328 34.67 2.00 -6.34
C MET A 328 33.30 2.61 -6.63
N ALA A 329 33.27 3.93 -6.87
CA ALA A 329 32.00 4.59 -7.19
C ALA A 329 31.43 4.08 -8.51
N THR A 330 32.31 3.71 -9.45
CA THR A 330 31.86 3.23 -10.76
C THR A 330 31.30 1.82 -10.66
N ILE A 331 31.87 0.99 -9.79
CA ILE A 331 31.29 -0.32 -9.53
C ILE A 331 29.96 -0.16 -8.81
N CYS A 332 29.88 0.75 -7.85
CA CYS A 332 28.63 0.98 -7.13
C CYS A 332 27.51 1.36 -8.08
N GLU A 333 27.74 2.36 -8.94
CA GLU A 333 26.71 2.81 -9.86
C GLU A 333 26.32 1.70 -10.83
N ARG A 334 27.32 1.10 -11.48
CA ARG A 334 27.04 0.04 -12.46
C ARG A 334 26.20 -1.07 -11.83
N THR A 335 26.52 -1.44 -10.59
CA THR A 335 25.82 -2.55 -9.94
C THR A 335 24.47 -2.12 -9.39
N ASP A 336 24.40 -0.97 -8.72
CA ASP A 336 23.10 -0.50 -8.21
C ASP A 336 22.09 -0.36 -9.34
N ARG A 337 22.54 0.16 -10.49
CA ARG A 337 21.67 0.43 -11.63
C ARG A 337 20.78 -0.75 -11.99
N VAL A 338 21.22 -1.98 -11.71
CA VAL A 338 20.53 -3.17 -12.18
C VAL A 338 19.88 -3.96 -11.07
N MET A 339 19.89 -3.47 -9.83
CA MET A 339 19.22 -4.16 -8.76
C MET A 339 17.73 -3.82 -8.77
N ASN A 340 16.92 -4.76 -8.27
CA ASN A 340 15.48 -4.58 -8.18
C ASN A 340 15.05 -4.53 -6.71
N SER A 341 13.90 -3.91 -6.49
CA SER A 341 13.30 -3.89 -5.16
C SER A 341 12.92 -5.29 -4.72
N ARG A 342 12.80 -5.46 -3.40
CA ARG A 342 12.40 -6.72 -2.78
C ARG A 342 11.16 -6.41 -1.93
N LEU A 343 9.99 -6.57 -2.53
CA LEU A 343 8.72 -6.19 -1.90
C LEU A 343 8.13 -7.35 -1.09
N GLU A 344 8.94 -7.91 -0.19
CA GLU A 344 8.56 -9.05 0.65
C GLU A 344 7.82 -10.12 -0.13
N PHE A 345 8.17 -10.28 -1.41
CA PHE A 345 7.55 -11.29 -2.27
C PHE A 345 8.00 -12.69 -1.84
N LEU A 352 3.04 -9.28 11.26
CA LEU A 352 3.02 -7.98 10.61
C LEU A 352 2.70 -6.82 11.54
N ARG A 353 3.54 -5.80 11.48
CA ARG A 353 3.38 -4.57 12.25
C ARG A 353 3.10 -3.42 11.30
N ILE A 354 2.86 -2.24 11.88
CA ILE A 354 2.41 -1.10 11.10
C ILE A 354 3.54 -0.58 10.20
N THR A 355 4.69 -0.31 10.80
CA THR A 355 5.79 0.29 10.03
C THR A 355 6.13 -0.56 8.81
N GLU A 356 6.29 -1.87 9.00
CA GLU A 356 6.50 -2.77 7.88
C GLU A 356 5.46 -2.53 6.79
N ALA A 357 4.18 -2.75 7.14
CA ALA A 357 3.13 -2.72 6.14
C ALA A 357 3.09 -1.40 5.38
N VAL A 358 3.34 -0.31 6.12
CA VAL A 358 3.28 1.09 5.61
C VAL A 358 4.50 1.41 4.74
N CYS A 359 5.71 1.32 5.28
CA CYS A 359 6.97 1.66 4.56
C CYS A 359 7.09 0.78 3.32
N ARG A 360 6.64 -0.48 3.39
CA ARG A 360 6.68 -1.46 2.27
C ARG A 360 5.63 -1.15 1.25
N GLY A 361 4.42 -0.87 1.70
CA GLY A 361 3.33 -0.49 0.79
C GLY A 361 3.65 0.80 0.06
N ALA A 362 4.41 1.71 0.67
CA ALA A 362 4.82 2.99 0.11
C ALA A 362 5.80 2.81 -1.04
N VAL A 363 6.70 1.83 -0.93
CA VAL A 363 7.63 1.56 -2.03
C VAL A 363 6.89 0.93 -3.20
N GLU A 364 6.04 -0.07 -2.92
CA GLU A 364 5.22 -0.67 -3.97
C GLU A 364 4.39 0.41 -4.66
N THR A 365 3.79 1.31 -3.89
CA THR A 365 3.05 2.41 -4.47
C THR A 365 3.95 3.28 -5.34
N ALA A 366 5.16 3.59 -4.85
CA ALA A 366 6.07 4.42 -5.62
C ALA A 366 6.42 3.80 -6.95
N GLU A 367 6.66 2.48 -6.98
CA GLU A 367 7.07 1.85 -8.24
C GLU A 367 5.91 1.69 -9.19
N LYS A 368 4.71 1.36 -8.67
CA LYS A 368 3.57 1.21 -9.57
C LYS A 368 3.17 2.55 -10.19
N LEU A 369 3.65 3.66 -9.63
CA LEU A 369 3.42 4.99 -10.18
C LEU A 369 4.68 5.59 -10.78
N ASP A 370 5.79 4.85 -10.80
CA ASP A 370 7.06 5.33 -11.36
C ASP A 370 7.48 6.66 -10.73
N ALA A 371 7.42 6.71 -9.39
CA ALA A 371 7.85 7.90 -8.66
C ALA A 371 9.36 7.85 -8.43
N PRO A 372 10.11 8.88 -8.81
CA PRO A 372 11.58 8.82 -8.66
C PRO A 372 12.08 9.12 -7.27
N LEU A 373 11.19 9.49 -6.34
CA LEU A 373 11.62 10.00 -5.05
C LEU A 373 10.60 9.65 -3.99
N ILE A 374 11.09 9.13 -2.88
CA ILE A 374 10.30 8.88 -1.68
C ILE A 374 10.80 9.83 -0.61
N VAL A 375 9.99 10.82 -0.26
CA VAL A 375 10.35 11.78 0.77
C VAL A 375 9.88 11.25 2.11
N VAL A 376 10.80 11.17 3.07
CA VAL A 376 10.55 10.58 4.38
C VAL A 376 10.79 11.64 5.43
N ALA A 377 9.87 11.74 6.39
CA ALA A 377 10.05 12.57 7.57
C ALA A 377 10.49 11.66 8.70
N THR A 378 11.63 11.97 9.29
CA THR A 378 12.24 11.10 10.28
C THR A 378 12.91 11.95 11.36
N GLN A 379 12.65 11.62 12.61
CA GLN A 379 13.34 12.26 13.73
C GLN A 379 14.67 11.55 14.00
N GLY A 380 14.61 10.24 14.25
CA GLY A 380 15.79 9.47 14.61
C GLY A 380 16.36 8.64 13.48
N GLY A 381 15.62 8.54 12.38
CA GLY A 381 16.09 7.87 11.17
C GLY A 381 15.41 6.57 10.83
N LYS A 382 14.62 6.00 11.75
CA LYS A 382 14.07 4.66 11.52
C LYS A 382 13.18 4.62 10.28
N SER A 383 12.44 5.70 10.01
CA SER A 383 11.55 5.68 8.85
C SER A 383 12.32 5.55 7.55
N ALA A 384 13.36 6.37 7.37
CA ALA A 384 14.17 6.31 6.16
C ALA A 384 14.77 4.93 5.97
N ARG A 385 15.29 4.33 7.05
CA ARG A 385 15.88 3.01 6.93
C ARG A 385 14.83 1.93 6.68
N ALA A 386 13.59 2.17 7.11
CA ALA A 386 12.53 1.19 6.85
C ALA A 386 12.07 1.23 5.40
N VAL A 387 12.14 2.39 4.77
CA VAL A 387 11.89 2.46 3.34
C VAL A 387 13.04 1.80 2.58
N ARG A 388 14.28 2.05 3.02
CA ARG A 388 15.46 1.49 2.39
C ARG A 388 15.45 -0.04 2.40
N LYS A 389 14.85 -0.65 3.40
CA LYS A 389 14.83 -2.10 3.50
C LYS A 389 14.42 -2.78 2.20
N TYR A 390 13.53 -2.15 1.42
CA TYR A 390 12.96 -2.75 0.23
C TYR A 390 13.70 -2.40 -1.04
N PHE A 391 14.84 -1.72 -0.94
CA PHE A 391 15.69 -1.46 -2.09
C PHE A 391 14.92 -0.72 -3.17
N PRO A 392 14.30 0.41 -2.85
CA PRO A 392 13.51 1.12 -3.86
C PRO A 392 14.36 1.59 -5.02
N ASP A 393 13.78 1.56 -6.22
CA ASP A 393 14.38 2.28 -7.33
C ASP A 393 14.46 3.76 -7.00
N ALA A 394 13.41 4.29 -6.39
CA ALA A 394 13.37 5.69 -6.02
C ALA A 394 14.48 6.03 -5.04
N THR A 395 14.95 7.27 -5.14
CA THR A 395 15.84 7.81 -4.11
C THR A 395 15.00 8.26 -2.91
N ILE A 396 15.60 8.14 -1.74
CA ILE A 396 14.96 8.52 -0.48
C ILE A 396 15.47 9.91 -0.09
N LEU A 397 14.54 10.85 0.09
CA LEU A 397 14.87 12.20 0.57
C LEU A 397 14.37 12.31 2.01
N ALA A 398 15.29 12.27 2.97
CA ALA A 398 14.94 12.15 4.37
C ALA A 398 15.08 13.51 5.06
N LEU A 399 13.94 14.11 5.40
CA LEU A 399 13.91 15.35 6.14
C LEU A 399 13.98 15.09 7.64
N THR A 400 14.76 15.89 8.35
CA THR A 400 14.91 15.70 9.79
C THR A 400 15.38 17.00 10.41
N THR A 401 15.04 17.17 11.69
CA THR A 401 15.49 18.32 12.48
C THR A 401 16.70 17.98 13.35
N ASN A 402 17.14 16.73 13.33
CA ASN A 402 18.25 16.25 14.16
C ASN A 402 19.51 16.22 13.31
N GLU A 403 20.56 16.91 13.78
CA GLU A 403 21.78 17.00 13.01
C GLU A 403 22.54 15.67 13.01
N LYS A 404 22.57 14.98 14.15
CA LYS A 404 23.25 13.69 14.22
C LYS A 404 22.60 12.68 13.29
N THR A 405 21.27 12.73 13.19
CA THR A 405 20.57 11.78 12.32
C THR A 405 20.81 12.10 10.86
N ALA A 406 20.81 13.39 10.51
CA ALA A 406 21.15 13.78 9.14
C ALA A 406 22.51 13.24 8.73
N HIS A 407 23.49 13.28 9.62
CA HIS A 407 24.79 12.71 9.31
C HIS A 407 24.71 11.20 9.17
N GLN A 408 24.10 10.52 10.15
CA GLN A 408 24.11 9.07 10.17
C GLN A 408 23.45 8.47 8.93
N LEU A 409 22.44 9.14 8.37
CA LEU A 409 21.76 8.60 7.21
C LEU A 409 22.64 8.63 5.96
N VAL A 410 23.80 9.29 6.03
CA VAL A 410 24.73 9.26 4.92
C VAL A 410 25.16 7.83 4.64
N LEU A 411 25.24 7.00 5.67
CA LEU A 411 25.74 5.64 5.56
C LEU A 411 24.72 4.67 4.99
N SER A 412 23.43 4.99 5.08
CA SER A 412 22.37 4.12 4.58
C SER A 412 22.19 4.24 3.09
N LYS A 413 21.82 3.12 2.45
CA LYS A 413 21.86 3.04 0.99
C LYS A 413 20.73 3.85 0.36
N GLY A 414 21.10 4.73 -0.55
CA GLY A 414 20.12 5.45 -1.35
C GLY A 414 19.36 6.52 -0.60
N VAL A 415 19.97 7.13 0.40
CA VAL A 415 19.33 8.15 1.21
C VAL A 415 20.05 9.47 1.00
N VAL A 416 19.29 10.51 0.70
CA VAL A 416 19.78 11.89 0.69
C VAL A 416 19.18 12.57 1.90
N PRO A 417 19.95 12.81 2.96
CA PRO A 417 19.40 13.55 4.11
C PRO A 417 19.36 15.05 3.81
N GLN A 418 18.37 15.70 4.40
CA GLN A 418 18.22 17.17 4.27
C GLN A 418 17.83 17.70 5.63
N LEU A 419 18.65 18.57 6.20
CA LEU A 419 18.34 19.21 7.46
C LEU A 419 17.27 20.28 7.26
N VAL A 420 16.34 20.38 8.20
CA VAL A 420 15.25 21.32 8.11
C VAL A 420 14.93 21.90 9.48
N LYS A 421 14.29 23.07 9.47
CA LYS A 421 14.05 23.79 10.72
C LYS A 421 12.98 23.08 11.55
N GLU A 422 11.88 22.66 10.92
CA GLU A 422 10.76 22.11 11.68
C GLU A 422 9.74 21.40 10.80
N ILE A 423 8.94 20.56 11.42
CA ILE A 423 7.89 19.86 10.72
C ILE A 423 6.76 19.94 11.69
N THR A 424 5.81 20.86 11.48
CA THR A 424 4.83 21.08 12.53
C THR A 424 3.59 20.19 12.44
N SER A 425 3.21 19.76 11.25
CA SER A 425 2.03 18.94 11.03
C SER A 425 2.31 18.02 9.86
N THR A 426 1.36 17.12 9.58
CA THR A 426 1.52 16.23 8.43
C THR A 426 1.35 17.01 7.13
N ASP A 427 0.24 17.74 6.98
CA ASP A 427 0.08 18.59 5.81
C ASP A 427 1.29 19.50 5.61
N ASP A 428 1.82 20.05 6.70
CA ASP A 428 3.00 20.90 6.60
C ASP A 428 4.15 20.12 5.96
N PHE A 429 4.36 18.88 6.39
CA PHE A 429 5.42 18.04 5.81
C PHE A 429 5.22 17.87 4.30
N TYR A 430 3.98 17.59 3.89
CA TYR A 430 3.63 17.41 2.45
C TYR A 430 3.97 18.70 1.71
N ARG A 431 3.72 19.86 2.28
CA ARG A 431 3.98 21.12 1.58
C ARG A 431 5.46 21.47 1.71
N LEU A 432 6.16 21.00 2.76
CA LEU A 432 7.63 21.30 2.77
C LEU A 432 8.33 20.28 1.87
N GLY A 433 7.83 19.05 1.79
CA GLY A 433 8.51 18.01 1.05
C GLY A 433 8.42 18.21 -0.45
N LYS A 434 7.25 18.60 -0.94
CA LYS A 434 7.10 18.94 -2.35
C LYS A 434 8.06 20.05 -2.74
N GLU A 435 7.97 21.18 -2.03
CA GLU A 435 8.88 22.30 -2.22
C GLU A 435 10.33 21.82 -2.26
N LEU A 436 10.72 20.98 -1.31
CA LEU A 436 12.12 20.57 -1.18
C LEU A 436 12.51 19.47 -2.16
N ALA A 437 11.57 18.62 -2.56
CA ALA A 437 11.86 17.67 -3.62
C ALA A 437 12.33 18.40 -4.87
N LEU A 438 11.62 19.46 -5.25
CA LEU A 438 11.98 20.23 -6.44
C LEU A 438 13.35 20.87 -6.27
N GLN A 439 13.59 21.53 -5.13
CA GLN A 439 14.83 22.24 -4.94
C GLN A 439 16.04 21.30 -4.88
N SER A 440 15.81 20.00 -4.68
CA SER A 440 16.89 19.04 -4.62
C SER A 440 17.31 18.54 -5.99
N GLY A 441 16.57 18.89 -7.04
CA GLY A 441 16.90 18.42 -8.36
C GLY A 441 16.65 16.94 -8.58
N LEU A 442 16.25 16.21 -7.56
CA LEU A 442 16.01 14.77 -7.67
C LEU A 442 14.68 14.44 -8.31
N ALA A 443 13.80 15.43 -8.47
CA ALA A 443 12.52 15.28 -9.16
C ALA A 443 12.12 16.63 -9.72
N HIS A 444 11.17 16.62 -10.64
CA HIS A 444 10.77 17.83 -11.36
C HIS A 444 9.25 17.88 -11.48
N LYS A 445 8.75 19.08 -11.77
CA LYS A 445 7.30 19.30 -11.84
C LYS A 445 6.64 18.25 -12.72
N GLY A 446 5.55 17.68 -12.21
CA GLY A 446 4.84 16.63 -12.88
C GLY A 446 5.19 15.24 -12.39
N ASP A 447 6.38 15.08 -11.82
CA ASP A 447 6.76 13.81 -11.22
C ASP A 447 5.89 13.48 -10.02
N VAL A 448 5.71 12.19 -9.78
CA VAL A 448 5.02 11.70 -8.60
C VAL A 448 6.03 11.48 -7.49
N VAL A 449 5.59 11.64 -6.26
CA VAL A 449 6.43 11.41 -5.08
C VAL A 449 5.56 10.74 -4.03
N VAL A 450 6.18 9.85 -3.25
CA VAL A 450 5.52 9.22 -2.12
C VAL A 450 6.14 9.78 -0.85
N MET A 451 5.29 10.16 0.10
CA MET A 451 5.71 10.93 1.27
C MET A 451 5.33 10.14 2.52
N VAL A 452 6.32 9.57 3.18
CA VAL A 452 6.14 8.66 4.31
C VAL A 452 6.50 9.40 5.59
N SER A 453 5.70 9.17 6.63
CA SER A 453 5.87 9.90 7.88
C SER A 453 5.18 9.15 9.00
N GLY A 454 5.40 9.64 10.22
CA GLY A 454 4.63 9.18 11.36
C GLY A 454 3.72 10.28 11.84
N ALA A 455 2.42 10.01 11.84
CA ALA A 455 1.41 11.00 12.20
C ALA A 455 0.73 10.61 13.50
N LEU A 456 0.64 11.55 14.43
CA LEU A 456 -0.01 11.33 15.72
C LEU A 456 0.55 10.11 16.41
N VAL A 457 1.86 9.92 16.29
CA VAL A 457 2.52 8.82 16.97
C VAL A 457 3.92 9.23 17.42
N PRO A 458 4.51 8.54 18.39
CA PRO A 458 5.91 8.80 18.74
C PRO A 458 6.84 8.36 17.62
N SER A 459 8.03 8.93 17.62
CA SER A 459 9.06 8.41 16.73
C SER A 459 9.28 6.91 16.96
N GLY A 460 9.79 6.25 15.93
CA GLY A 460 9.93 4.82 15.98
C GLY A 460 8.81 4.06 15.30
N THR A 461 7.79 4.76 14.84
CA THR A 461 6.64 4.18 14.15
C THR A 461 6.40 5.05 12.93
N THR A 462 6.31 4.41 11.78
CA THR A 462 6.09 5.07 10.50
C THR A 462 4.77 4.51 9.98
N ASN A 463 3.74 5.35 9.93
CA ASN A 463 2.39 4.83 9.74
C ASN A 463 1.61 5.47 8.60
N THR A 464 2.19 6.42 7.87
CA THR A 464 1.44 7.15 6.87
C THR A 464 2.21 7.18 5.56
N ALA A 465 1.50 6.94 4.47
CA ALA A 465 2.02 7.04 3.12
C ALA A 465 1.09 7.95 2.34
N SER A 466 1.66 8.88 1.57
CA SER A 466 0.89 9.90 0.89
C SER A 466 1.54 10.17 -0.47
N VAL A 467 0.71 10.37 -1.47
CA VAL A 467 1.15 10.53 -2.85
C VAL A 467 0.79 11.93 -3.32
N HIS A 468 1.75 12.59 -3.98
CA HIS A 468 1.60 13.97 -4.40
C HIS A 468 2.27 14.18 -5.75
N VAL A 469 1.80 15.19 -6.47
CA VAL A 469 2.36 15.57 -7.76
C VAL A 469 2.98 16.95 -7.64
N LEU A 470 4.20 17.09 -8.16
CA LEU A 470 4.98 18.31 -7.99
C LEU A 470 4.60 19.41 -8.97
CA MET B 1 -24.05 -6.33 10.56
C MET B 1 -23.75 -6.80 9.15
N LYS B 2 -24.65 -6.50 8.22
CA LYS B 2 -24.45 -6.78 6.82
C LYS B 2 -23.88 -5.57 6.10
N LYS B 3 -23.61 -5.73 4.81
CA LYS B 3 -23.03 -4.66 4.00
C LYS B 3 -23.85 -4.31 2.78
N THR B 4 -24.54 -5.27 2.17
CA THR B 4 -25.31 -5.01 0.98
C THR B 4 -26.57 -4.27 1.38
N LYS B 5 -26.92 -3.24 0.63
CA LYS B 5 -27.96 -2.31 1.04
C LYS B 5 -29.28 -2.70 0.39
N ILE B 6 -30.36 -2.42 1.10
CA ILE B 6 -31.71 -2.80 0.69
C ILE B 6 -32.47 -1.53 0.29
N VAL B 7 -32.95 -1.51 -0.95
CA VAL B 7 -33.88 -0.50 -1.43
C VAL B 7 -35.28 -1.08 -1.33
N CYS B 8 -36.19 -0.35 -0.68
CA CYS B 8 -37.57 -0.80 -0.51
C CYS B 8 -38.50 0.20 -1.18
N THR B 9 -39.32 -0.28 -2.11
CA THR B 9 -40.39 0.54 -2.65
C THR B 9 -41.46 0.73 -1.59
N ILE B 10 -41.85 1.97 -1.33
CA ILE B 10 -42.81 2.30 -0.27
C ILE B 10 -44.16 2.61 -0.90
N GLY B 11 -45.20 2.04 -0.30
CA GLY B 11 -46.57 2.27 -0.71
C GLY B 11 -47.50 2.33 0.49
N PRO B 12 -48.79 2.11 0.27
CA PRO B 12 -49.76 2.33 1.36
C PRO B 12 -49.50 1.51 2.61
N LYS B 13 -49.25 0.21 2.45
CA LYS B 13 -49.07 -0.68 3.61
C LYS B 13 -47.90 -0.24 4.49
N THR B 14 -46.97 0.54 3.95
CA THR B 14 -45.70 0.84 4.59
C THR B 14 -45.42 2.34 4.58
N GLU B 15 -46.42 3.15 4.29
CA GLU B 15 -46.28 4.60 4.19
C GLU B 15 -46.22 5.26 5.55
N SER B 16 -46.65 4.56 6.60
CA SER B 16 -46.72 5.12 7.94
C SER B 16 -45.34 5.20 8.59
N GLU B 17 -45.21 6.14 9.54
CA GLU B 17 -44.00 6.21 10.33
C GLU B 17 -43.80 4.93 11.15
N GLU B 18 -44.87 4.47 11.79
CA GLU B 18 -44.79 3.25 12.58
C GLU B 18 -44.14 2.12 11.76
N MET B 19 -44.50 2.03 10.48
CA MET B 19 -43.96 0.99 9.62
C MET B 19 -42.52 1.29 9.20
N LEU B 20 -42.27 2.50 8.70
CA LEU B 20 -40.92 2.84 8.28
C LEU B 20 -39.90 2.56 9.38
N ALA B 21 -40.21 2.97 10.62
CA ALA B 21 -39.32 2.67 11.73
C ALA B 21 -39.05 1.17 11.81
N LYS B 22 -40.09 0.34 11.62
CA LYS B 22 -39.89 -1.11 11.66
C LYS B 22 -39.11 -1.58 10.43
N MET B 23 -39.41 -1.02 9.25
CA MET B 23 -38.65 -1.35 8.05
C MET B 23 -37.16 -1.15 8.27
N LEU B 24 -36.78 0.03 8.78
CA LEU B 24 -35.37 0.32 9.01
C LEU B 24 -34.75 -0.71 9.94
N ASP B 25 -35.43 -1.02 11.04
CA ASP B 25 -34.97 -2.07 11.94
C ASP B 25 -34.67 -3.34 11.15
N ALA B 26 -35.60 -3.73 10.26
CA ALA B 26 -35.50 -4.99 9.56
C ALA B 26 -34.37 -5.01 8.54
N GLY B 27 -33.88 -3.84 8.13
CA GLY B 27 -32.72 -3.78 7.26
C GLY B 27 -32.84 -2.80 6.10
N MET B 28 -33.95 -2.07 6.04
CA MET B 28 -34.14 -1.11 4.96
C MET B 28 -33.17 0.05 5.06
N ASN B 29 -32.62 0.45 3.92
CA ASN B 29 -31.68 1.55 3.82
C ASN B 29 -32.20 2.70 2.97
N VAL B 30 -32.93 2.41 1.89
CA VAL B 30 -33.33 3.40 0.91
C VAL B 30 -34.81 3.23 0.60
N MET B 31 -35.53 4.35 0.56
CA MET B 31 -36.92 4.35 0.13
C MET B 31 -36.97 4.67 -1.36
N ARG B 32 -37.59 3.79 -2.14
CA ARG B 32 -37.85 4.05 -3.54
C ARG B 32 -39.28 4.55 -3.71
N LEU B 33 -39.45 5.60 -4.49
CA LEU B 33 -40.75 6.13 -4.84
C LEU B 33 -40.96 5.85 -6.32
N ASN B 34 -41.84 4.91 -6.63
CA ASN B 34 -42.10 4.52 -8.01
C ASN B 34 -43.18 5.44 -8.54
N PHE B 35 -42.78 6.42 -9.36
CA PHE B 35 -43.69 7.45 -9.84
C PHE B 35 -44.53 6.99 -11.03
N SER B 36 -44.47 5.71 -11.35
CA SER B 36 -45.47 5.13 -12.25
C SER B 36 -46.86 5.26 -11.63
N HIS B 37 -46.93 5.33 -10.31
CA HIS B 37 -48.19 5.44 -9.58
C HIS B 37 -48.07 6.52 -8.50
N GLY B 38 -49.21 6.98 -8.02
CA GLY B 38 -49.26 7.93 -6.91
C GLY B 38 -49.13 9.37 -7.32
N ASP B 39 -49.73 10.26 -6.52
CA ASP B 39 -49.70 11.69 -6.76
C ASP B 39 -48.74 12.35 -5.78
N TYR B 40 -48.48 13.64 -6.00
CA TYR B 40 -47.42 14.31 -5.27
C TYR B 40 -47.66 14.32 -3.76
N ALA B 41 -48.91 14.46 -3.34
CA ALA B 41 -49.20 14.51 -1.92
C ALA B 41 -48.87 13.19 -1.25
N GLU B 42 -49.27 12.08 -1.88
CA GLU B 42 -48.95 10.75 -1.35
C GLU B 42 -47.44 10.60 -1.20
N HIS B 43 -46.70 10.85 -2.27
CA HIS B 43 -45.24 10.70 -2.21
C HIS B 43 -44.62 11.68 -1.24
N GLY B 44 -44.99 12.96 -1.34
CA GLY B 44 -44.47 13.94 -0.39
C GLY B 44 -44.68 13.53 1.05
N GLN B 45 -45.84 12.95 1.35
CA GLN B 45 -46.10 12.51 2.72
C GLN B 45 -45.14 11.41 3.11
N ARG B 46 -44.91 10.45 2.19
CA ARG B 46 -43.95 9.39 2.47
C ARG B 46 -42.59 9.99 2.82
N ILE B 47 -42.15 10.99 2.04
CA ILE B 47 -40.88 11.64 2.31
C ILE B 47 -40.86 12.25 3.71
N GLN B 48 -41.87 13.09 4.01
CA GLN B 48 -41.90 13.74 5.32
C GLN B 48 -41.91 12.72 6.45
N ASN B 49 -42.63 11.61 6.27
CA ASN B 49 -42.71 10.61 7.33
C ASN B 49 -41.34 9.99 7.60
N LEU B 50 -40.64 9.59 6.54
CA LEU B 50 -39.30 9.04 6.71
C LEU B 50 -38.37 10.06 7.36
N ARG B 51 -38.41 11.30 6.89
CA ARG B 51 -37.63 12.37 7.52
C ARG B 51 -37.93 12.44 9.02
N ASN B 52 -39.22 12.39 9.38
CA ASN B 52 -39.59 12.43 10.80
C ASN B 52 -38.97 11.26 11.55
N VAL B 53 -39.08 10.05 10.99
CA VAL B 53 -38.53 8.87 11.63
C VAL B 53 -37.02 8.99 11.77
N MET B 54 -36.35 9.43 10.71
CA MET B 54 -34.91 9.66 10.78
C MET B 54 -34.56 10.62 11.91
N SER B 55 -35.31 11.72 12.02
CA SER B 55 -35.05 12.69 13.07
C SER B 55 -35.19 12.06 14.45
N LYS B 56 -36.31 11.35 14.68
CA LYS B 56 -36.59 10.80 16.01
C LYS B 56 -35.61 9.70 16.38
N THR B 57 -35.24 8.85 15.43
CA THR B 57 -34.37 7.73 15.73
C THR B 57 -32.89 8.04 15.60
N GLY B 58 -32.52 9.05 14.83
CA GLY B 58 -31.13 9.28 14.53
C GLY B 58 -30.58 8.31 13.51
N LYS B 59 -31.44 7.52 12.87
CA LYS B 59 -31.03 6.65 11.78
C LYS B 59 -30.96 7.44 10.49
N THR B 60 -30.13 6.95 9.57
CA THR B 60 -29.90 7.60 8.29
C THR B 60 -30.39 6.71 7.16
N ALA B 61 -31.00 7.33 6.16
CA ALA B 61 -31.54 6.61 5.02
C ALA B 61 -31.55 7.56 3.82
N ALA B 62 -31.68 6.98 2.63
CA ALA B 62 -31.70 7.75 1.40
C ALA B 62 -33.06 7.60 0.73
N ILE B 63 -33.33 8.52 -0.21
CA ILE B 63 -34.61 8.58 -0.90
C ILE B 63 -34.33 8.58 -2.40
N LEU B 64 -34.85 7.58 -3.09
CA LEU B 64 -34.67 7.39 -4.52
C LEU B 64 -35.99 7.59 -5.24
N LEU B 65 -35.99 8.47 -6.24
CA LEU B 65 -37.16 8.70 -7.09
C LEU B 65 -37.00 7.89 -8.36
N ASP B 66 -37.92 6.95 -8.58
CA ASP B 66 -37.96 6.14 -9.79
C ASP B 66 -39.01 6.71 -10.72
N THR B 67 -38.62 6.99 -11.96
CA THR B 67 -39.51 7.63 -12.91
C THR B 67 -40.40 6.61 -13.63
N LYS B 68 -41.59 7.07 -14.03
CA LYS B 68 -42.41 6.28 -14.95
C LYS B 68 -41.67 6.05 -16.26
N GLY B 69 -41.14 7.13 -16.84
CA GLY B 69 -40.39 7.05 -18.07
C GLY B 69 -41.28 7.01 -19.28
N PRO B 70 -40.71 7.15 -20.48
CA PRO B 70 -41.50 7.00 -21.70
C PRO B 70 -41.79 5.54 -21.98
N GLU B 71 -42.74 5.30 -22.86
CA GLU B 71 -43.29 3.97 -23.05
C GLU B 71 -44.02 3.90 -24.37
N ILE B 72 -44.18 2.67 -24.85
CA ILE B 72 -45.11 2.35 -25.94
C ILE B 72 -46.09 1.31 -25.41
N ARG B 73 -47.38 1.59 -25.56
CA ARG B 73 -48.42 0.69 -25.12
C ARG B 73 -49.44 0.54 -26.24
N THR B 74 -50.12 -0.61 -26.29
CA THR B 74 -51.33 -0.69 -27.09
C THR B 74 -52.44 0.07 -26.39
N MET B 75 -53.60 0.14 -27.03
CA MET B 75 -54.70 0.90 -26.45
C MET B 75 -55.95 0.02 -26.37
N LYS B 76 -57.11 0.61 -26.62
CA LYS B 76 -58.35 -0.04 -26.21
C LYS B 76 -58.78 -1.10 -27.20
N LEU B 77 -59.56 -2.06 -26.69
CA LEU B 77 -60.21 -3.08 -27.48
C LEU B 77 -61.72 -2.91 -27.34
N GLU B 78 -62.46 -3.55 -28.25
CA GLU B 78 -63.91 -3.52 -28.18
C GLU B 78 -64.40 -4.10 -26.87
N GLY B 79 -65.25 -3.35 -26.17
CA GLY B 79 -65.82 -3.80 -24.92
C GLY B 79 -64.81 -4.06 -23.82
N GLY B 80 -63.58 -3.59 -24.02
CA GLY B 80 -62.51 -3.93 -23.11
C GLY B 80 -62.23 -5.41 -23.02
N ASN B 81 -62.59 -6.16 -24.06
CA ASN B 81 -62.52 -7.61 -24.04
C ASN B 81 -61.22 -8.10 -24.69
N ASP B 82 -60.49 -8.94 -23.96
CA ASP B 82 -59.34 -9.61 -24.54
C ASP B 82 -59.76 -10.31 -25.84
N VAL B 83 -58.90 -10.24 -26.85
CA VAL B 83 -59.11 -10.92 -28.12
C VAL B 83 -57.97 -11.91 -28.33
N SER B 84 -58.26 -13.00 -29.04
CA SER B 84 -57.33 -14.09 -29.23
C SER B 84 -56.71 -14.02 -30.62
N LEU B 85 -55.38 -14.04 -30.65
CA LEU B 85 -54.60 -13.95 -31.88
C LEU B 85 -54.02 -15.30 -32.24
N LYS B 86 -54.05 -15.63 -33.53
CA LYS B 86 -53.64 -16.92 -34.04
C LYS B 86 -52.32 -16.77 -34.80
N ALA B 87 -51.35 -17.61 -34.45
CA ALA B 87 -50.08 -17.63 -35.16
C ALA B 87 -50.30 -17.75 -36.66
N GLY B 88 -49.58 -16.94 -37.43
CA GLY B 88 -49.69 -16.93 -38.87
C GLY B 88 -50.62 -15.88 -39.42
N GLN B 89 -51.53 -15.36 -38.61
CA GLN B 89 -52.48 -14.37 -39.08
C GLN B 89 -51.78 -13.04 -39.35
N THR B 90 -52.38 -12.26 -40.25
CA THR B 90 -51.98 -10.87 -40.42
C THR B 90 -52.56 -10.04 -39.28
N PHE B 91 -51.80 -9.03 -38.87
CA PHE B 91 -52.18 -8.18 -37.75
C PHE B 91 -51.55 -6.81 -37.97
N THR B 92 -52.27 -5.76 -37.54
CA THR B 92 -51.90 -4.40 -37.89
C THR B 92 -51.92 -3.50 -36.65
N PHE B 93 -50.91 -2.65 -36.53
CA PHE B 93 -50.87 -1.58 -35.53
C PHE B 93 -51.08 -0.27 -36.25
N THR B 94 -51.85 0.64 -35.66
CA THR B 94 -52.13 1.92 -36.29
C THR B 94 -51.70 3.08 -35.40
N THR B 95 -51.18 4.13 -36.02
CA THR B 95 -50.77 5.32 -35.28
C THR B 95 -51.98 6.12 -34.82
N ASP B 96 -53.09 6.05 -35.57
CA ASP B 96 -54.32 6.73 -35.20
C ASP B 96 -54.78 6.24 -33.83
N LYS B 97 -54.62 7.07 -32.81
CA LYS B 97 -54.93 6.65 -31.45
C LYS B 97 -56.43 6.56 -31.19
N SER B 98 -57.27 7.19 -32.02
CA SER B 98 -58.70 7.14 -31.81
C SER B 98 -59.28 5.76 -32.10
N VAL B 99 -58.50 4.85 -32.66
CA VAL B 99 -59.01 3.58 -33.15
C VAL B 99 -59.21 2.63 -31.99
N ILE B 100 -60.40 2.03 -31.92
CA ILE B 100 -60.67 0.92 -31.01
C ILE B 100 -60.30 -0.37 -31.71
N GLY B 101 -59.63 -1.26 -30.99
CA GLY B 101 -58.99 -2.41 -31.60
C GLY B 101 -59.77 -3.72 -31.46
N ASN B 102 -59.31 -4.71 -32.23
CA ASN B 102 -59.82 -6.07 -32.21
C ASN B 102 -58.75 -6.98 -32.81
N SER B 103 -59.12 -8.22 -33.11
CA SER B 103 -58.15 -9.25 -33.49
C SER B 103 -57.44 -8.98 -34.81
N GLU B 104 -57.70 -7.86 -35.50
CA GLU B 104 -57.00 -7.55 -36.73
C GLU B 104 -56.15 -6.28 -36.66
N MET B 105 -56.47 -5.35 -35.77
CA MET B 105 -55.70 -4.12 -35.66
C MET B 105 -55.96 -3.49 -34.30
N VAL B 106 -55.01 -2.66 -33.88
CA VAL B 106 -55.07 -1.97 -32.59
C VAL B 106 -54.26 -0.70 -32.71
N ALA B 107 -54.49 0.24 -31.78
CA ALA B 107 -53.79 1.51 -31.76
C ALA B 107 -52.60 1.46 -30.81
N VAL B 108 -51.67 2.40 -31.02
CA VAL B 108 -50.48 2.53 -30.18
C VAL B 108 -50.27 4.00 -29.83
N THR B 109 -49.60 4.23 -28.70
CA THR B 109 -49.47 5.57 -28.14
C THR B 109 -48.43 6.42 -28.85
N TYR B 110 -47.55 5.81 -29.64
CA TYR B 110 -46.37 6.47 -30.17
C TYR B 110 -46.60 6.80 -31.65
N GLU B 111 -46.64 8.09 -31.97
CA GLU B 111 -46.85 8.51 -33.36
C GLU B 111 -45.71 8.05 -34.25
N GLY B 112 -44.51 7.87 -33.69
CA GLY B 112 -43.37 7.44 -34.47
C GLY B 112 -43.20 5.94 -34.53
N PHE B 113 -44.24 5.19 -34.18
CA PHE B 113 -44.19 3.73 -34.23
C PHE B 113 -43.99 3.24 -35.66
N THR B 114 -44.76 3.81 -36.60
CA THR B 114 -44.65 3.46 -38.01
C THR B 114 -43.37 4.01 -38.64
N THR B 115 -42.64 4.85 -37.92
CA THR B 115 -41.44 5.51 -38.42
C THR B 115 -40.17 4.76 -38.02
N ASP B 116 -39.98 4.51 -36.73
CA ASP B 116 -38.77 3.85 -36.25
C ASP B 116 -38.63 2.41 -36.74
N LEU B 117 -39.70 1.80 -37.24
N LEU B 117 -39.69 1.79 -37.34
CA LEU B 117 -39.74 0.36 -37.50
CA LEU B 117 -39.73 0.36 -37.60
C LEU B 117 -39.64 0.06 -38.99
C LEU B 117 -39.63 0.06 -39.09
N SER B 118 -38.89 -0.99 -39.32
CA SER B 118 -38.63 -1.40 -40.69
C SER B 118 -39.14 -2.82 -40.89
N VAL B 119 -39.32 -3.20 -42.16
CA VAL B 119 -39.80 -4.54 -42.47
C VAL B 119 -38.75 -5.56 -42.06
N GLY B 120 -39.19 -6.60 -41.35
CA GLY B 120 -38.32 -7.62 -40.83
C GLY B 120 -38.00 -7.47 -39.36
N ASN B 121 -38.14 -6.26 -38.81
CA ASN B 121 -38.03 -6.06 -37.38
C ASN B 121 -39.15 -6.81 -36.68
N THR B 122 -38.90 -7.17 -35.42
CA THR B 122 -39.84 -7.94 -34.62
C THR B 122 -40.52 -7.07 -33.58
N VAL B 123 -41.82 -7.31 -33.36
CA VAL B 123 -42.62 -6.57 -32.39
C VAL B 123 -43.05 -7.54 -31.29
N LEU B 124 -42.89 -7.13 -30.04
CA LEU B 124 -43.27 -7.92 -28.87
C LEU B 124 -44.32 -7.16 -28.07
N VAL B 125 -45.30 -7.87 -27.54
CA VAL B 125 -46.45 -7.25 -26.87
C VAL B 125 -46.70 -7.94 -25.53
N ASP B 126 -46.96 -7.13 -24.50
CA ASP B 126 -47.28 -7.59 -23.16
C ASP B 126 -46.10 -8.40 -22.58
N ASP B 127 -44.96 -7.72 -22.52
CA ASP B 127 -43.71 -8.31 -22.05
C ASP B 127 -43.42 -9.62 -22.79
N GLY B 128 -43.56 -9.57 -24.11
CA GLY B 128 -43.18 -10.67 -24.98
C GLY B 128 -44.18 -11.80 -25.08
N LEU B 129 -45.34 -11.68 -24.45
CA LEU B 129 -46.37 -12.70 -24.58
C LEU B 129 -46.59 -13.10 -26.03
N ILE B 130 -46.71 -12.10 -26.91
CA ILE B 130 -46.95 -12.33 -28.33
C ILE B 130 -45.84 -11.66 -29.13
N GLY B 131 -45.38 -12.33 -30.18
CA GLY B 131 -44.36 -11.79 -31.05
C GLY B 131 -44.84 -11.72 -32.49
N MET B 132 -44.36 -10.71 -33.20
CA MET B 132 -44.80 -10.46 -34.57
C MET B 132 -43.65 -9.94 -35.41
N GLU B 133 -43.78 -10.10 -36.73
CA GLU B 133 -42.81 -9.66 -37.70
C GLU B 133 -43.47 -8.67 -38.65
N VAL B 134 -42.86 -7.49 -38.79
CA VAL B 134 -43.41 -6.48 -39.68
C VAL B 134 -43.22 -6.92 -41.12
N THR B 135 -44.32 -6.94 -41.88
CA THR B 135 -44.29 -7.32 -43.28
C THR B 135 -44.50 -6.15 -44.24
N ALA B 136 -45.13 -5.07 -43.78
CA ALA B 136 -45.34 -3.91 -44.62
C ALA B 136 -45.67 -2.71 -43.74
N ILE B 137 -45.49 -1.52 -44.30
CA ILE B 137 -45.76 -0.28 -43.59
C ILE B 137 -46.44 0.65 -44.59
N GLU B 138 -47.70 1.00 -44.33
CA GLU B 138 -48.51 1.81 -45.24
C GLU B 138 -48.97 3.06 -44.50
N GLY B 139 -48.28 4.18 -44.72
CA GLY B 139 -48.68 5.42 -44.10
C GLY B 139 -48.68 5.39 -42.59
N ASN B 140 -49.87 5.38 -41.97
CA ASN B 140 -49.98 5.35 -40.52
C ASN B 140 -50.32 3.96 -39.96
N LYS B 141 -50.26 2.92 -40.80
CA LYS B 141 -50.46 1.53 -40.39
C LYS B 141 -49.17 0.75 -40.50
N VAL B 142 -48.97 -0.19 -39.59
CA VAL B 142 -47.83 -1.10 -39.62
C VAL B 142 -48.36 -2.53 -39.59
N ILE B 143 -48.11 -3.30 -40.65
CA ILE B 143 -48.71 -4.61 -40.84
C ILE B 143 -47.71 -5.70 -40.47
N CYS B 144 -48.18 -6.72 -39.75
CA CYS B 144 -47.32 -7.75 -39.19
C CYS B 144 -47.90 -9.12 -39.46
N LYS B 145 -47.04 -10.13 -39.40
CA LYS B 145 -47.46 -11.52 -39.33
C LYS B 145 -47.22 -12.01 -37.90
N VAL B 146 -48.29 -12.50 -37.25
CA VAL B 146 -48.14 -13.00 -35.89
C VAL B 146 -47.34 -14.30 -35.91
N LEU B 147 -46.62 -14.55 -34.82
CA LEU B 147 -45.71 -15.68 -34.75
C LEU B 147 -46.12 -16.74 -33.73
N ASN B 148 -46.94 -16.40 -32.75
CA ASN B 148 -47.42 -17.38 -31.78
C ASN B 148 -48.79 -16.99 -31.25
N ASN B 149 -49.56 -17.99 -30.83
CA ASN B 149 -50.87 -17.72 -30.27
C ASN B 149 -50.75 -17.06 -28.91
N GLY B 150 -51.70 -16.20 -28.61
CA GLY B 150 -51.74 -15.53 -27.32
C GLY B 150 -52.87 -14.52 -27.31
N ASP B 151 -53.33 -14.22 -26.09
CA ASP B 151 -54.46 -13.31 -25.91
C ASP B 151 -53.94 -11.89 -25.74
N LEU B 152 -54.43 -10.98 -26.57
CA LEU B 152 -54.07 -9.57 -26.49
C LEU B 152 -55.06 -8.82 -25.61
N GLY B 153 -54.54 -8.09 -24.63
CA GLY B 153 -55.36 -7.29 -23.76
C GLY B 153 -55.27 -5.81 -24.07
N GLU B 154 -55.85 -5.01 -23.17
CA GLU B 154 -55.81 -3.57 -23.30
C GLU B 154 -54.56 -3.00 -22.64
N ASN B 155 -54.06 -1.90 -23.22
CA ASN B 155 -53.05 -1.06 -22.58
C ASN B 155 -51.81 -1.89 -22.19
N LYS B 156 -51.25 -2.57 -23.20
CA LYS B 156 -50.15 -3.50 -22.99
C LYS B 156 -48.84 -2.93 -23.52
N GLY B 157 -47.76 -3.21 -22.80
CA GLY B 157 -46.45 -2.71 -23.20
C GLY B 157 -45.97 -3.33 -24.50
N VAL B 158 -45.10 -2.60 -25.20
CA VAL B 158 -44.58 -2.99 -26.50
C VAL B 158 -43.06 -2.82 -26.51
N ASN B 159 -42.36 -3.81 -27.05
CA ASN B 159 -40.91 -3.84 -27.11
C ASN B 159 -40.46 -4.00 -28.56
N LEU B 160 -39.36 -3.32 -28.92
CA LEU B 160 -38.81 -3.38 -30.28
C LEU B 160 -37.31 -3.70 -30.23
N PRO B 161 -36.95 -4.97 -30.13
CA PRO B 161 -35.55 -5.33 -29.96
C PRO B 161 -34.68 -4.90 -31.15
N GLY B 162 -33.45 -4.52 -30.84
CA GLY B 162 -32.53 -4.02 -31.86
C GLY B 162 -33.11 -2.94 -32.74
N VAL B 163 -33.95 -2.08 -32.17
CA VAL B 163 -34.50 -0.92 -32.85
C VAL B 163 -34.36 0.27 -31.93
N SER B 164 -33.86 1.38 -32.47
CA SER B 164 -33.67 2.61 -31.71
C SER B 164 -34.97 3.40 -31.66
N ILE B 165 -35.64 3.36 -30.52
CA ILE B 165 -36.90 4.07 -30.35
C ILE B 165 -36.58 5.55 -30.14
N ALA B 166 -37.27 6.42 -30.89
CA ALA B 166 -36.98 7.84 -30.93
C ALA B 166 -37.88 8.65 -30.02
N LEU B 167 -38.35 8.05 -28.93
CA LEU B 167 -39.01 8.80 -27.89
C LEU B 167 -38.00 9.73 -27.21
N PRO B 168 -38.47 10.77 -26.54
CA PRO B 168 -37.56 11.64 -25.81
C PRO B 168 -37.13 10.99 -24.50
N ALA B 169 -35.99 11.46 -23.99
CA ALA B 169 -35.51 10.95 -22.72
C ALA B 169 -36.59 11.07 -21.66
N LEU B 170 -37.37 12.15 -21.70
CA LEU B 170 -38.35 12.45 -20.67
C LEU B 170 -39.74 12.67 -21.26
N ALA B 171 -40.71 11.93 -20.74
CA ALA B 171 -42.10 12.32 -20.88
C ALA B 171 -42.37 13.58 -20.06
N GLU B 172 -43.43 14.30 -20.42
CA GLU B 172 -43.73 15.54 -19.70
C GLU B 172 -43.99 15.28 -18.22
N LYS B 173 -44.69 14.19 -17.90
CA LYS B 173 -44.89 13.85 -16.49
C LYS B 173 -43.56 13.63 -15.79
N ASP B 174 -42.58 13.06 -16.51
CA ASP B 174 -41.25 12.89 -15.92
C ASP B 174 -40.60 14.24 -15.64
N LYS B 175 -40.80 15.21 -16.55
CA LYS B 175 -40.23 16.54 -16.34
C LYS B 175 -40.78 17.17 -15.07
N GLN B 176 -42.09 17.03 -14.84
CA GLN B 176 -42.71 17.56 -13.62
C GLN B 176 -42.28 16.75 -12.40
N ASP B 177 -42.28 15.42 -12.50
CA ASP B 177 -41.93 14.59 -11.36
C ASP B 177 -40.49 14.83 -10.91
N LEU B 178 -39.59 15.05 -11.87
CA LEU B 178 -38.21 15.36 -11.50
C LEU B 178 -38.11 16.70 -10.79
N ILE B 179 -38.85 17.70 -11.27
CA ILE B 179 -38.91 18.98 -10.57
C ILE B 179 -39.39 18.77 -9.14
N PHE B 180 -40.42 17.93 -8.95
CA PHE B 180 -40.88 17.61 -7.61
C PHE B 180 -39.76 17.00 -6.78
N GLY B 181 -38.93 16.13 -7.39
CA GLY B 181 -37.84 15.52 -6.66
C GLY B 181 -36.73 16.47 -6.30
N CYS B 182 -36.49 17.48 -7.15
CA CYS B 182 -35.55 18.53 -6.78
C CYS B 182 -36.10 19.34 -5.61
N GLU B 183 -37.38 19.73 -5.69
CA GLU B 183 -38.02 20.43 -4.58
C GLU B 183 -37.96 19.62 -3.29
N GLN B 184 -38.25 18.32 -3.36
CA GLN B 184 -38.23 17.50 -2.17
C GLN B 184 -36.81 17.17 -1.72
N GLY B 185 -35.81 17.44 -2.56
CA GLY B 185 -34.43 17.17 -2.22
C GLY B 185 -34.11 15.70 -2.10
N VAL B 186 -34.52 14.92 -3.10
CA VAL B 186 -34.26 13.49 -3.09
C VAL B 186 -32.75 13.32 -3.24
N ASP B 187 -32.27 12.10 -3.02
CA ASP B 187 -30.84 11.82 -3.08
C ASP B 187 -30.45 11.12 -4.37
N PHE B 188 -31.36 10.35 -4.97
CA PHE B 188 -31.11 9.69 -6.24
C PHE B 188 -32.32 9.82 -7.16
N VAL B 189 -32.06 9.81 -8.45
CA VAL B 189 -33.09 9.61 -9.47
C VAL B 189 -32.75 8.34 -10.22
N ALA B 190 -33.71 7.42 -10.28
CA ALA B 190 -33.64 6.27 -11.16
C ALA B 190 -34.40 6.64 -12.43
N ALA B 191 -33.66 6.83 -13.53
CA ALA B 191 -34.27 7.25 -14.78
C ALA B 191 -34.62 6.02 -15.60
N SER B 192 -35.90 5.79 -15.83
CA SER B 192 -36.35 4.59 -16.52
C SER B 192 -36.07 4.70 -18.01
N PHE B 193 -35.88 3.55 -18.64
CA PHE B 193 -35.88 3.45 -20.10
C PHE B 193 -34.72 4.24 -20.71
N ILE B 194 -33.58 4.22 -20.03
CA ILE B 194 -32.37 4.83 -20.57
C ILE B 194 -31.83 3.97 -21.69
N ARG B 195 -31.64 4.59 -22.86
CA ARG B 195 -31.24 3.94 -24.09
C ARG B 195 -29.90 4.48 -24.64
N LYS B 196 -29.56 5.72 -24.38
CA LYS B 196 -28.38 6.31 -24.99
C LYS B 196 -27.72 7.14 -23.90
N ARG B 197 -26.47 7.54 -24.17
CA ARG B 197 -25.80 8.54 -23.35
C ARG B 197 -26.54 9.87 -23.38
N SER B 198 -27.08 10.23 -24.55
CA SER B 198 -27.82 11.46 -24.68
C SER B 198 -28.92 11.56 -23.65
N ASP B 199 -29.61 10.44 -23.39
CA ASP B 199 -30.75 10.48 -22.49
C ASP B 199 -30.34 10.91 -21.09
N VAL B 200 -29.25 10.34 -20.59
CA VAL B 200 -28.75 10.74 -19.28
C VAL B 200 -28.47 12.23 -19.25
N ILE B 201 -27.89 12.76 -20.33
CA ILE B 201 -27.49 14.17 -20.35
C ILE B 201 -28.73 15.05 -20.25
N GLU B 202 -29.74 14.77 -21.06
CA GLU B 202 -30.97 15.54 -21.03
C GLU B 202 -31.53 15.61 -19.62
N ILE B 203 -31.40 14.52 -18.87
CA ILE B 203 -31.95 14.47 -17.52
C ILE B 203 -31.08 15.26 -16.55
N ARG B 204 -29.75 15.15 -16.68
CA ARG B 204 -28.86 15.84 -15.76
C ARG B 204 -28.96 17.34 -15.95
N GLU B 205 -29.13 17.75 -17.20
CA GLU B 205 -29.30 19.18 -17.55
C GLU B 205 -30.65 19.61 -16.99
N HIS B 206 -31.67 18.75 -17.07
CA HIS B 206 -32.96 19.10 -16.49
C HIS B 206 -32.83 19.33 -14.98
N LEU B 207 -32.11 18.43 -14.31
CA LEU B 207 -31.97 18.54 -12.86
C LEU B 207 -31.12 19.74 -12.48
N LYS B 208 -30.10 20.05 -13.30
CA LYS B 208 -29.26 21.20 -13.02
C LYS B 208 -30.07 22.49 -13.06
N ALA B 209 -31.13 22.49 -13.88
CA ALA B 209 -31.99 23.64 -14.06
C ALA B 209 -32.96 23.86 -12.91
N HIS B 210 -32.99 22.96 -11.92
CA HIS B 210 -33.91 23.09 -10.80
C HIS B 210 -33.23 22.82 -9.47
N GLY B 211 -31.93 23.02 -9.39
CA GLY B 211 -31.23 22.85 -8.13
C GLY B 211 -30.97 21.42 -7.75
N GLY B 212 -30.99 20.51 -8.71
CA GLY B 212 -30.67 19.13 -8.45
C GLY B 212 -29.30 18.76 -8.99
N GLU B 213 -28.42 19.76 -9.08
CA GLU B 213 -27.10 19.53 -9.65
C GLU B 213 -26.35 18.44 -8.91
N ASN B 214 -26.68 18.20 -7.65
CA ASN B 214 -25.96 17.25 -6.81
C ASN B 214 -26.71 15.94 -6.60
N ILE B 215 -27.76 15.69 -7.38
CA ILE B 215 -28.52 14.45 -7.29
C ILE B 215 -27.88 13.42 -8.21
N HIS B 216 -27.65 12.22 -7.68
CA HIS B 216 -27.02 11.15 -8.45
C HIS B 216 -28.05 10.48 -9.36
N ILE B 217 -27.73 10.39 -10.64
CA ILE B 217 -28.60 9.73 -11.61
C ILE B 217 -28.22 8.26 -11.71
N ILE B 218 -29.19 7.38 -11.48
CA ILE B 218 -29.05 5.94 -11.69
C ILE B 218 -29.77 5.59 -12.98
N SER B 219 -29.04 5.12 -13.98
CA SER B 219 -29.64 4.81 -15.27
C SER B 219 -30.17 3.37 -15.23
N LYS B 220 -31.47 3.24 -15.47
CA LYS B 220 -32.15 1.95 -15.51
C LYS B 220 -31.97 1.36 -16.90
N ILE B 221 -31.22 0.26 -16.99
CA ILE B 221 -31.09 -0.49 -18.23
C ILE B 221 -32.26 -1.45 -18.29
N GLU B 222 -33.17 -1.24 -19.24
CA GLU B 222 -34.40 -2.01 -19.30
C GLU B 222 -34.49 -2.82 -20.59
N ASN B 223 -33.54 -2.70 -21.51
CA ASN B 223 -33.71 -3.29 -22.83
C ASN B 223 -32.38 -3.38 -23.56
N GLN B 224 -32.45 -3.72 -24.85
CA GLN B 224 -31.26 -4.06 -25.63
C GLN B 224 -30.48 -2.81 -26.04
N GLU B 225 -31.19 -1.80 -26.56
CA GLU B 225 -30.56 -0.53 -26.90
C GLU B 225 -29.67 -0.04 -25.76
N GLY B 226 -30.19 -0.05 -24.53
CA GLY B 226 -29.38 0.36 -23.41
C GLY B 226 -28.19 -0.56 -23.17
N LEU B 227 -28.37 -1.85 -23.40
CA LEU B 227 -27.27 -2.79 -23.26
C LEU B 227 -26.18 -2.53 -24.29
N ASN B 228 -26.57 -2.25 -25.54
CA ASN B 228 -25.58 -1.99 -26.58
C ASN B 228 -24.75 -0.76 -26.27
N ASN B 229 -25.38 0.27 -25.71
CA ASN B 229 -24.72 1.53 -25.40
C ASN B 229 -24.32 1.64 -23.94
N PHE B 230 -24.13 0.52 -23.26
CA PHE B 230 -23.94 0.56 -21.81
C PHE B 230 -22.73 1.39 -21.44
N ASP B 231 -21.60 1.17 -22.11
CA ASP B 231 -20.37 1.81 -21.71
C ASP B 231 -20.54 3.33 -21.62
N GLU B 232 -21.26 3.91 -22.57
CA GLU B 232 -21.42 5.36 -22.58
C GLU B 232 -22.52 5.82 -21.64
N ILE B 233 -23.54 4.98 -21.41
CA ILE B 233 -24.55 5.28 -20.39
C ILE B 233 -23.91 5.26 -19.01
N LEU B 234 -23.04 4.27 -18.76
CA LEU B 234 -22.33 4.19 -17.49
C LEU B 234 -21.47 5.44 -17.29
N GLU B 235 -20.72 5.84 -18.31
CA GLU B 235 -19.80 6.97 -18.16
C GLU B 235 -20.57 8.22 -17.77
N ALA B 236 -21.77 8.40 -18.32
CA ALA B 236 -22.55 9.61 -18.07
C ALA B 236 -23.30 9.56 -16.75
N SER B 237 -23.56 8.38 -16.20
CA SER B 237 -24.41 8.21 -15.03
C SER B 237 -23.57 8.10 -13.77
N ASP B 238 -24.23 8.36 -12.64
CA ASP B 238 -23.61 8.13 -11.33
C ASP B 238 -23.84 6.72 -10.83
N GLY B 239 -24.74 5.97 -11.45
CA GLY B 239 -25.00 4.60 -11.05
C GLY B 239 -25.84 3.90 -12.09
N ILE B 240 -26.04 2.60 -11.86
CA ILE B 240 -26.78 1.73 -12.77
C ILE B 240 -27.82 0.94 -11.98
N MET B 241 -29.01 0.79 -12.55
CA MET B 241 -29.99 -0.17 -12.07
C MET B 241 -30.24 -1.19 -13.15
N VAL B 242 -29.96 -2.46 -12.86
CA VAL B 242 -30.19 -3.55 -13.81
C VAL B 242 -31.57 -4.12 -13.55
N ALA B 243 -32.45 -3.98 -14.55
CA ALA B 243 -33.82 -4.51 -14.48
C ALA B 243 -33.86 -5.85 -15.21
N ARG B 244 -33.47 -6.90 -14.50
CA ARG B 244 -33.25 -8.19 -15.15
C ARG B 244 -34.48 -8.65 -15.93
N GLY B 245 -35.65 -8.56 -15.31
CA GLY B 245 -36.86 -9.05 -15.95
C GLY B 245 -37.23 -8.28 -17.21
N ASP B 246 -37.10 -6.95 -17.16
CA ASP B 246 -37.46 -6.16 -18.34
C ASP B 246 -36.46 -6.39 -19.47
N LEU B 247 -35.18 -6.55 -19.13
CA LEU B 247 -34.17 -6.91 -20.11
C LEU B 247 -34.34 -8.34 -20.59
N GLY B 248 -34.88 -9.20 -19.73
CA GLY B 248 -35.20 -10.55 -20.11
C GLY B 248 -36.06 -10.65 -21.36
N VAL B 249 -36.80 -9.58 -21.66
CA VAL B 249 -37.71 -9.60 -22.79
C VAL B 249 -36.99 -9.42 -24.11
N GLU B 250 -36.00 -8.52 -24.14
CA GLU B 250 -35.44 -8.06 -25.41
C GLU B 250 -34.26 -8.89 -25.89
N ILE B 251 -33.58 -9.61 -25.02
CA ILE B 251 -32.42 -10.40 -25.45
C ILE B 251 -32.63 -11.88 -25.14
N PRO B 252 -31.74 -12.75 -25.63
CA PRO B 252 -31.90 -14.19 -25.37
C PRO B 252 -31.71 -14.54 -23.91
N VAL B 253 -32.56 -15.42 -23.40
CA VAL B 253 -32.49 -15.81 -21.98
C VAL B 253 -31.08 -16.25 -21.62
N GLU B 254 -30.46 -17.08 -22.48
CA GLU B 254 -29.15 -17.63 -22.15
C GLU B 254 -28.12 -16.54 -21.89
N GLU B 255 -28.41 -15.30 -22.30
CA GLU B 255 -27.46 -14.21 -22.26
C GLU B 255 -27.70 -13.26 -21.09
N VAL B 256 -28.84 -13.37 -20.41
CA VAL B 256 -29.19 -12.38 -19.39
C VAL B 256 -28.24 -12.47 -18.20
N ILE B 257 -27.92 -13.69 -17.77
CA ILE B 257 -27.03 -13.86 -16.63
C ILE B 257 -25.73 -13.11 -16.85
N PHE B 258 -25.19 -13.19 -18.07
CA PHE B 258 -23.90 -12.59 -18.37
C PHE B 258 -23.98 -11.10 -18.65
N ALA B 259 -25.14 -10.60 -19.08
CA ALA B 259 -25.30 -9.16 -19.16
C ALA B 259 -25.28 -8.52 -17.78
N GLN B 260 -25.97 -9.14 -16.81
CA GLN B 260 -25.92 -8.66 -15.43
C GLN B 260 -24.50 -8.68 -14.89
N LYS B 261 -23.77 -9.77 -15.16
CA LYS B 261 -22.40 -9.87 -14.67
C LYS B 261 -21.48 -8.86 -15.38
N MET B 262 -21.63 -8.69 -16.69
CA MET B 262 -20.84 -7.69 -17.41
C MET B 262 -21.05 -6.29 -16.84
N MET B 263 -22.31 -5.91 -16.60
CA MET B 263 -22.60 -4.55 -16.14
C MET B 263 -22.10 -4.35 -14.71
N PHE B 264 -22.24 -5.37 -13.88
CA PHE B 264 -21.74 -5.27 -12.50
C PHE B 264 -20.25 -4.99 -12.48
N GLU B 265 -19.46 -5.78 -13.21
CA GLU B 265 -18.01 -5.61 -13.19
C GLU B 265 -17.63 -4.19 -13.61
N LYS B 266 -18.19 -3.72 -14.72
CA LYS B 266 -17.81 -2.42 -15.27
C LYS B 266 -18.29 -1.29 -14.37
N CYS B 267 -19.41 -1.49 -13.68
CA CYS B 267 -19.96 -0.49 -12.74
C CYS B 267 -19.05 -0.46 -11.51
N ILE B 268 -18.61 -1.64 -11.01
CA ILE B 268 -17.72 -1.70 -9.87
C ILE B 268 -16.38 -1.06 -10.21
N ARG B 269 -15.85 -1.36 -11.40
CA ARG B 269 -14.58 -0.76 -11.81
C ARG B 269 -14.66 0.75 -11.85
N ALA B 270 -15.83 1.30 -12.18
CA ALA B 270 -16.01 2.73 -12.31
C ALA B 270 -16.24 3.42 -10.98
N ARG B 271 -16.32 2.68 -9.88
CA ARG B 271 -16.57 3.26 -8.57
C ARG B 271 -17.96 3.87 -8.51
N LYS B 272 -18.90 3.25 -9.22
CA LYS B 272 -20.27 3.71 -9.30
C LYS B 272 -21.20 2.60 -8.85
N VAL B 273 -22.31 3.00 -8.29
CA VAL B 273 -23.19 2.11 -7.55
C VAL B 273 -24.05 1.32 -8.52
N VAL B 274 -24.40 0.09 -8.13
CA VAL B 274 -25.23 -0.76 -8.96
C VAL B 274 -26.31 -1.39 -8.10
N ILE B 275 -27.50 -1.51 -8.68
CA ILE B 275 -28.68 -1.99 -7.98
C ILE B 275 -29.25 -3.16 -8.76
N THR B 276 -29.51 -4.26 -8.05
CA THR B 276 -30.23 -5.40 -8.61
C THR B 276 -31.71 -5.21 -8.31
N ALA B 277 -32.50 -4.97 -9.36
CA ALA B 277 -33.92 -4.68 -9.23
C ALA B 277 -34.74 -5.68 -10.05
N THR B 278 -36.02 -5.76 -9.68
CA THR B 278 -37.02 -6.60 -10.33
C THR B 278 -36.80 -8.08 -10.06
N GLN B 279 -37.89 -8.85 -10.13
CA GLN B 279 -37.89 -10.31 -9.94
C GLN B 279 -36.97 -10.67 -8.79
N MET B 280 -37.14 -10.05 -7.62
CA MET B 280 -36.35 -10.38 -6.44
C MET B 280 -37.07 -11.45 -5.63
N LEU B 281 -38.14 -11.06 -4.94
CA LEU B 281 -38.88 -11.96 -4.06
C LEU B 281 -40.38 -11.84 -4.29
N ASP B 282 -40.79 -11.77 -5.55
CA ASP B 282 -42.18 -11.45 -5.87
C ASP B 282 -43.15 -12.45 -5.25
N SER B 283 -42.71 -13.67 -4.93
CA SER B 283 -43.60 -14.61 -4.28
C SER B 283 -44.07 -14.11 -2.91
N MET B 284 -43.33 -13.17 -2.32
CA MET B 284 -43.67 -12.63 -1.00
C MET B 284 -44.70 -11.53 -1.04
N ILE B 285 -45.21 -11.18 -2.22
CA ILE B 285 -46.40 -10.35 -2.28
C ILE B 285 -47.59 -11.10 -1.69
N LYS B 286 -47.72 -12.38 -2.03
CA LYS B 286 -48.76 -13.25 -1.50
C LYS B 286 -48.31 -14.13 -0.36
N ASN B 287 -47.02 -14.49 -0.30
CA ASN B 287 -46.57 -15.53 0.60
C ASN B 287 -45.58 -14.97 1.63
N PRO B 288 -45.57 -15.51 2.85
CA PRO B 288 -44.68 -14.98 3.89
C PRO B 288 -43.27 -15.59 3.91
N ARG B 289 -42.95 -16.50 2.99
CA ARG B 289 -41.65 -17.06 2.75
C ARG B 289 -41.27 -17.06 1.28
N PRO B 290 -40.06 -16.77 0.93
CA PRO B 290 -39.68 -16.81 -0.48
C PRO B 290 -39.46 -18.23 -1.00
N THR B 291 -39.27 -18.31 -2.31
CA THR B 291 -38.84 -19.54 -2.95
C THR B 291 -37.34 -19.75 -2.73
N ARG B 292 -36.91 -21.01 -2.75
CA ARG B 292 -35.48 -21.29 -2.85
C ARG B 292 -34.88 -20.59 -4.05
N ALA B 293 -35.47 -20.80 -5.22
CA ALA B 293 -34.97 -20.18 -6.45
C ALA B 293 -34.79 -18.68 -6.26
N GLU B 294 -35.73 -18.04 -5.56
CA GLU B 294 -35.63 -16.60 -5.35
C GLU B 294 -34.45 -16.27 -4.46
N ALA B 295 -34.29 -16.98 -3.36
CA ALA B 295 -33.19 -16.70 -2.44
C ALA B 295 -31.84 -16.91 -3.12
N GLY B 296 -31.77 -17.86 -4.06
CA GLY B 296 -30.52 -18.10 -4.76
C GLY B 296 -30.22 -17.07 -5.82
N ASP B 297 -31.25 -16.54 -6.47
CA ASP B 297 -31.03 -15.49 -7.46
C ASP B 297 -30.50 -14.23 -6.78
N VAL B 298 -31.06 -13.88 -5.62
CA VAL B 298 -30.55 -12.73 -4.87
C VAL B 298 -29.09 -12.95 -4.47
N ALA B 299 -28.82 -14.09 -3.83
CA ALA B 299 -27.47 -14.34 -3.33
C ALA B 299 -26.45 -14.34 -4.45
N ASN B 300 -26.80 -14.89 -5.61
CA ASN B 300 -25.91 -14.87 -6.75
C ASN B 300 -25.73 -13.44 -7.26
N ALA B 301 -26.78 -12.62 -7.19
CA ALA B 301 -26.64 -11.22 -7.56
C ALA B 301 -25.66 -10.51 -6.64
N ILE B 302 -25.71 -10.81 -5.34
CA ILE B 302 -24.79 -10.21 -4.38
C ILE B 302 -23.36 -10.69 -4.64
N LEU B 303 -23.20 -11.99 -4.90
CA LEU B 303 -21.89 -12.54 -5.20
C LEU B 303 -21.33 -11.98 -6.50
N ASP B 304 -22.20 -11.62 -7.44
CA ASP B 304 -21.77 -10.89 -8.62
C ASP B 304 -21.28 -9.49 -8.27
N GLY B 305 -21.49 -9.04 -7.05
CA GLY B 305 -20.91 -7.82 -6.56
C GLY B 305 -21.84 -6.64 -6.48
N THR B 306 -23.14 -6.86 -6.34
CA THR B 306 -24.07 -5.75 -6.34
C THR B 306 -23.88 -4.88 -5.11
N ASP B 307 -24.04 -3.58 -5.28
CA ASP B 307 -24.07 -2.68 -4.13
C ASP B 307 -25.35 -2.89 -3.34
N ALA B 308 -26.48 -3.02 -4.02
CA ALA B 308 -27.77 -3.01 -3.34
C ALA B 308 -28.76 -3.91 -4.07
N VAL B 309 -29.68 -4.46 -3.29
CA VAL B 309 -30.81 -5.24 -3.78
C VAL B 309 -32.08 -4.45 -3.49
N MET B 310 -33.07 -4.60 -4.37
CA MET B 310 -34.26 -3.77 -4.32
C MET B 310 -35.54 -4.59 -4.29
N LEU B 311 -36.47 -4.17 -3.44
CA LEU B 311 -37.79 -4.77 -3.33
C LEU B 311 -38.85 -3.84 -3.92
N SER B 312 -39.72 -4.41 -4.74
CA SER B 312 -40.80 -3.67 -5.40
C SER B 312 -42.08 -4.48 -5.30
N GLY B 313 -43.11 -3.89 -4.74
CA GLY B 313 -44.36 -4.64 -4.58
C GLY B 313 -44.35 -5.52 -3.37
N GLU B 314 -43.32 -6.35 -3.21
CA GLU B 314 -43.12 -7.04 -1.94
C GLU B 314 -43.25 -6.06 -0.78
N SER B 315 -42.75 -4.83 -0.96
CA SER B 315 -42.83 -3.80 0.06
C SER B 315 -43.88 -2.73 -0.21
N ALA B 316 -44.26 -2.52 -1.47
CA ALA B 316 -45.19 -1.46 -1.80
C ALA B 316 -46.63 -1.89 -1.54
N LYS B 317 -47.10 -2.89 -2.28
CA LYS B 317 -48.47 -3.38 -2.26
C LYS B 317 -48.55 -4.83 -1.77
N GLY B 318 -47.52 -5.29 -1.06
CA GLY B 318 -47.47 -6.66 -0.58
C GLY B 318 -48.12 -6.89 0.78
N LYS B 319 -48.43 -8.17 1.03
CA LYS B 319 -49.06 -8.57 2.28
C LYS B 319 -48.06 -8.81 3.41
N TYR B 320 -46.81 -9.13 3.10
CA TYR B 320 -45.80 -9.46 4.11
C TYR B 320 -44.52 -8.66 3.85
N PRO B 321 -44.59 -7.33 3.93
CA PRO B 321 -43.40 -6.51 3.63
C PRO B 321 -42.27 -6.68 4.64
N LEU B 322 -42.59 -6.55 5.93
CA LEU B 322 -41.56 -6.64 6.95
C LEU B 322 -40.88 -8.00 6.94
N GLU B 323 -41.59 -9.04 6.52
CA GLU B 323 -40.95 -10.35 6.39
C GLU B 323 -40.00 -10.37 5.20
N ALA B 324 -40.39 -9.72 4.10
CA ALA B 324 -39.55 -9.67 2.90
C ALA B 324 -38.25 -8.92 3.18
N VAL B 325 -38.36 -7.75 3.79
CA VAL B 325 -37.16 -7.00 4.16
C VAL B 325 -36.27 -7.86 5.06
N SER B 326 -36.88 -8.60 5.97
CA SER B 326 -36.10 -9.36 6.95
C SER B 326 -35.40 -10.55 6.31
N ILE B 327 -36.10 -11.32 5.49
CA ILE B 327 -35.43 -12.43 4.81
C ILE B 327 -34.41 -11.91 3.82
N MET B 328 -34.67 -10.74 3.22
CA MET B 328 -33.68 -10.10 2.37
C MET B 328 -32.43 -9.77 3.17
N ALA B 329 -32.60 -9.12 4.32
CA ALA B 329 -31.45 -8.72 5.12
C ALA B 329 -30.68 -9.93 5.61
N THR B 330 -31.39 -11.02 5.86
CA THR B 330 -30.74 -12.24 6.33
C THR B 330 -29.98 -12.92 5.20
N ILE B 331 -30.52 -12.87 3.99
CA ILE B 331 -29.77 -13.35 2.82
C ILE B 331 -28.57 -12.46 2.57
N CYS B 332 -28.74 -11.14 2.68
CA CYS B 332 -27.62 -10.23 2.48
C CYS B 332 -26.49 -10.56 3.43
N GLU B 333 -26.80 -10.68 4.73
CA GLU B 333 -25.76 -10.99 5.71
C GLU B 333 -25.12 -12.34 5.42
N ARG B 334 -25.94 -13.38 5.26
CA ARG B 334 -25.40 -14.71 5.01
C ARG B 334 -24.43 -14.71 3.84
N THR B 335 -24.79 -14.01 2.76
CA THR B 335 -23.97 -14.00 1.56
C THR B 335 -22.78 -13.06 1.70
N ASP B 336 -22.99 -11.86 2.24
CA ASP B 336 -21.87 -10.95 2.44
C ASP B 336 -20.79 -11.60 3.28
N ARG B 337 -21.21 -12.32 4.33
CA ARG B 337 -20.30 -12.92 5.30
C ARG B 337 -19.16 -13.70 4.65
N VAL B 338 -19.38 -14.27 3.48
CA VAL B 338 -18.43 -15.21 2.89
C VAL B 338 -17.74 -14.65 1.65
N MET B 339 -17.98 -13.39 1.31
CA MET B 339 -17.33 -12.82 0.13
C MET B 339 -15.91 -12.39 0.45
N ASN B 340 -15.07 -12.40 -0.58
CA ASN B 340 -13.67 -12.03 -0.46
C ASN B 340 -13.42 -10.71 -1.17
N SER B 341 -12.38 -10.02 -0.72
CA SER B 341 -11.88 -8.81 -1.38
C SER B 341 -11.33 -9.10 -2.77
N ARG B 342 -11.20 -8.05 -3.56
CA ARG B 342 -10.63 -8.15 -4.90
C ARG B 342 -9.49 -7.15 -4.89
N LEU B 343 -8.31 -7.55 -4.43
CA LEU B 343 -7.15 -6.67 -4.29
C LEU B 343 -6.38 -6.48 -5.58
N GLU B 344 -7.14 -6.32 -6.66
CA GLU B 344 -6.68 -6.44 -8.05
C GLU B 344 -5.20 -6.71 -8.25
N LEU B 352 -2.06 3.56 -14.03
CA LEU B 352 -2.55 3.63 -12.66
C LEU B 352 -2.82 5.08 -12.30
N ARG B 353 -4.10 5.38 -11.98
CA ARG B 353 -4.34 6.62 -11.23
C ARG B 353 -3.82 6.56 -9.76
N ILE B 354 -3.65 7.76 -9.20
CA ILE B 354 -3.22 7.85 -7.80
C ILE B 354 -4.26 7.22 -6.90
N THR B 355 -5.52 7.64 -7.04
CA THR B 355 -6.58 7.15 -6.15
C THR B 355 -6.67 5.62 -6.16
N GLU B 356 -6.64 5.04 -7.36
CA GLU B 356 -6.57 3.59 -7.49
C GLU B 356 -5.48 3.01 -6.60
N ALA B 357 -4.24 3.48 -6.81
CA ALA B 357 -3.10 2.91 -6.10
C ALA B 357 -3.26 3.00 -4.59
N VAL B 358 -3.77 4.13 -4.10
CA VAL B 358 -3.86 4.34 -2.66
C VAL B 358 -4.94 3.48 -2.04
N CYS B 359 -6.14 3.51 -2.62
CA CYS B 359 -7.28 2.86 -2.00
C CYS B 359 -7.12 1.34 -2.03
N ARG B 360 -6.62 0.82 -3.14
CA ARG B 360 -6.33 -0.63 -3.28
C ARG B 360 -5.29 -1.01 -2.24
N GLY B 361 -4.23 -0.23 -2.07
CA GLY B 361 -3.25 -0.46 -1.03
C GLY B 361 -3.83 -0.32 0.36
N ALA B 362 -4.76 0.62 0.53
CA ALA B 362 -5.35 0.85 1.84
C ALA B 362 -6.19 -0.35 2.28
N VAL B 363 -6.86 -1.02 1.34
CA VAL B 363 -7.60 -2.22 1.68
C VAL B 363 -6.64 -3.36 1.98
N GLU B 364 -5.65 -3.56 1.11
CA GLU B 364 -4.64 -4.59 1.33
C GLU B 364 -3.98 -4.43 2.69
N THR B 365 -3.60 -3.20 3.04
CA THR B 365 -3.02 -2.94 4.36
C THR B 365 -4.02 -3.25 5.47
N ALA B 366 -5.27 -2.84 5.32
CA ALA B 366 -6.27 -3.12 6.33
C ALA B 366 -6.41 -4.62 6.57
N GLU B 367 -6.34 -5.42 5.51
CA GLU B 367 -6.55 -6.86 5.64
C GLU B 367 -5.34 -7.53 6.28
N LYS B 368 -4.13 -7.11 5.90
CA LYS B 368 -2.92 -7.70 6.45
C LYS B 368 -2.74 -7.35 7.93
N LEU B 369 -3.44 -6.35 8.44
CA LEU B 369 -3.40 -6.01 9.86
C LEU B 369 -4.70 -6.33 10.59
N ASP B 370 -5.64 -6.99 9.92
CA ASP B 370 -6.93 -7.36 10.53
C ASP B 370 -7.64 -6.15 11.14
N ALA B 371 -7.71 -5.09 10.37
CA ALA B 371 -8.40 -3.89 10.81
C ALA B 371 -9.89 -4.01 10.51
N PRO B 372 -10.77 -3.81 11.50
CA PRO B 372 -12.21 -3.97 11.26
C PRO B 372 -12.84 -2.75 10.61
N LEU B 373 -12.08 -1.68 10.37
CA LEU B 373 -12.67 -0.41 9.97
C LEU B 373 -11.68 0.35 9.10
N ILE B 374 -12.19 0.91 8.00
CA ILE B 374 -11.45 1.85 7.17
C ILE B 374 -12.18 3.18 7.26
N VAL B 375 -11.59 4.17 7.91
CA VAL B 375 -12.21 5.48 8.06
C VAL B 375 -11.84 6.34 6.86
N VAL B 376 -12.84 6.89 6.18
CA VAL B 376 -12.63 7.65 4.96
C VAL B 376 -13.17 9.06 5.19
N ALA B 377 -12.40 10.05 4.74
CA ALA B 377 -12.85 11.44 4.71
C ALA B 377 -13.21 11.80 3.27
N THR B 378 -14.46 12.21 3.06
CA THR B 378 -14.96 12.50 1.72
C THR B 378 -15.94 13.64 1.78
N GLN B 379 -15.90 14.51 0.77
N GLN B 379 -15.84 14.53 0.79
CA GLN B 379 -16.89 15.57 0.66
CA GLN B 379 -16.79 15.62 0.57
C GLN B 379 -17.93 15.32 -0.42
C GLN B 379 -17.93 15.17 -0.34
N GLY B 380 -17.58 14.61 -1.49
CA GLY B 380 -18.55 14.24 -2.49
C GLY B 380 -18.83 12.75 -2.57
N GLY B 381 -18.01 11.95 -1.90
CA GLY B 381 -18.24 10.52 -1.77
C GLY B 381 -17.31 9.65 -2.57
N LYS B 382 -16.56 10.21 -3.51
CA LYS B 382 -15.76 9.40 -4.43
C LYS B 382 -14.75 8.54 -3.65
N SER B 383 -14.22 9.07 -2.55
CA SER B 383 -13.22 8.34 -1.78
C SER B 383 -13.83 7.07 -1.16
N ALA B 384 -14.98 7.20 -0.52
CA ALA B 384 -15.64 6.03 0.05
C ALA B 384 -15.96 5.01 -1.02
N ARG B 385 -16.51 5.46 -2.15
CA ARG B 385 -16.85 4.55 -3.23
C ARG B 385 -15.61 3.94 -3.87
N ALA B 386 -14.46 4.60 -3.77
CA ALA B 386 -13.23 4.07 -4.34
C ALA B 386 -12.65 2.94 -3.49
N VAL B 387 -12.87 2.97 -2.18
CA VAL B 387 -12.46 1.85 -1.33
C VAL B 387 -13.39 0.66 -1.52
N ARG B 388 -14.70 0.91 -1.58
CA ARG B 388 -15.66 -0.19 -1.70
C ARG B 388 -15.38 -1.05 -2.93
N LYS B 389 -14.82 -0.45 -3.98
CA LYS B 389 -14.53 -1.18 -5.21
C LYS B 389 -13.79 -2.49 -4.94
N TYR B 390 -12.96 -2.54 -3.92
CA TYR B 390 -12.14 -3.72 -3.65
C TYR B 390 -12.79 -4.68 -2.66
N PHE B 391 -14.04 -4.41 -2.25
CA PHE B 391 -14.84 -5.29 -1.41
C PHE B 391 -14.13 -5.60 -0.09
N PRO B 392 -13.73 -4.57 0.65
CA PRO B 392 -13.00 -4.82 1.90
C PRO B 392 -13.85 -5.59 2.90
N ASP B 393 -13.19 -6.48 3.65
CA ASP B 393 -13.80 -7.04 4.83
C ASP B 393 -14.14 -5.95 5.83
N ALA B 394 -13.24 -4.99 5.98
CA ALA B 394 -13.46 -3.88 6.89
C ALA B 394 -14.71 -3.10 6.50
N THR B 395 -15.37 -2.55 7.50
CA THR B 395 -16.45 -1.61 7.28
C THR B 395 -15.86 -0.24 6.96
N ILE B 396 -16.54 0.49 6.08
CA ILE B 396 -16.11 1.82 5.67
C ILE B 396 -16.90 2.83 6.48
N LEU B 397 -16.20 3.67 7.23
CA LEU B 397 -16.80 4.76 7.99
C LEU B 397 -16.45 6.06 7.30
N ALA B 398 -17.43 6.68 6.65
CA ALA B 398 -17.21 7.81 5.77
C ALA B 398 -17.60 9.10 6.50
N LEU B 399 -16.61 9.88 6.88
CA LEU B 399 -16.82 11.21 7.45
C LEU B 399 -16.99 12.22 6.34
N THR B 400 -17.96 13.11 6.52
CA THR B 400 -18.26 14.12 5.51
C THR B 400 -19.00 15.29 6.16
N THR B 401 -18.87 16.46 5.56
CA THR B 401 -19.59 17.65 6.00
C THR B 401 -20.83 17.93 5.17
N ASN B 402 -21.07 17.13 4.14
CA ASN B 402 -22.17 17.32 3.20
C ASN B 402 -23.32 16.37 3.54
N GLU B 403 -24.52 16.93 3.71
CA GLU B 403 -25.66 16.10 4.08
C GLU B 403 -26.09 15.20 2.93
N LYS B 404 -26.12 15.75 1.71
CA LYS B 404 -26.55 14.94 0.56
C LYS B 404 -25.61 13.76 0.37
N THR B 405 -24.31 13.98 0.63
CA THR B 405 -23.33 12.91 0.48
C THR B 405 -23.44 11.89 1.60
N ALA B 406 -23.69 12.35 2.82
CA ALA B 406 -23.97 11.40 3.89
C ALA B 406 -25.15 10.51 3.51
N HIS B 407 -26.18 11.09 2.88
CA HIS B 407 -27.32 10.30 2.45
C HIS B 407 -26.93 9.34 1.33
N GLN B 408 -26.28 9.83 0.28
CA GLN B 408 -26.03 9.00 -0.90
C GLN B 408 -25.18 7.78 -0.58
N LEU B 409 -24.27 7.89 0.39
CA LEU B 409 -23.41 6.77 0.73
C LEU B 409 -24.17 5.64 1.42
N VAL B 410 -25.43 5.86 1.81
CA VAL B 410 -26.22 4.77 2.35
C VAL B 410 -26.37 3.65 1.32
N LEU B 411 -26.38 3.99 0.02
CA LEU B 411 -26.68 3.04 -1.04
C LEU B 411 -25.49 2.17 -1.40
N SER B 412 -24.27 2.66 -1.10
CA SER B 412 -23.06 1.93 -1.47
C SER B 412 -22.78 0.83 -0.45
N LYS B 413 -22.13 -0.20 -0.95
CA LYS B 413 -22.00 -1.44 -0.18
C LYS B 413 -21.01 -1.28 0.99
N GLY B 414 -21.46 -1.62 2.18
CA GLY B 414 -20.59 -1.72 3.34
C GLY B 414 -20.09 -0.39 3.84
N VAL B 415 -20.88 0.66 3.65
CA VAL B 415 -20.49 2.01 4.04
C VAL B 415 -21.43 2.49 5.13
N VAL B 416 -20.85 2.99 6.21
CA VAL B 416 -21.56 3.67 7.29
C VAL B 416 -21.21 5.15 7.20
N PRO B 417 -22.12 6.00 6.73
CA PRO B 417 -21.82 7.44 6.72
C PRO B 417 -22.02 8.10 8.07
N GLN B 418 -21.29 9.19 8.30
CA GLN B 418 -21.47 9.96 9.53
C GLN B 418 -21.19 11.42 9.21
N LEU B 419 -22.20 12.26 9.43
CA LEU B 419 -22.07 13.70 9.23
C LEU B 419 -21.26 14.33 10.35
N VAL B 420 -20.38 15.26 9.98
CA VAL B 420 -19.50 15.95 10.92
C VAL B 420 -19.38 17.40 10.49
N LYS B 421 -19.01 18.25 11.45
CA LYS B 421 -19.02 19.69 11.20
C LYS B 421 -17.91 20.11 10.25
N GLU B 422 -16.69 19.64 10.48
CA GLU B 422 -15.55 20.14 9.71
C GLU B 422 -14.35 19.22 9.86
N ILE B 423 -13.46 19.32 8.88
CA ILE B 423 -12.16 18.67 8.91
C ILE B 423 -11.12 19.68 8.43
N THR B 424 -10.37 20.28 9.36
CA THR B 424 -9.50 21.41 9.02
C THR B 424 -8.11 20.98 8.52
N SER B 425 -7.64 19.80 8.91
CA SER B 425 -6.32 19.34 8.50
C SER B 425 -6.35 17.82 8.43
N THR B 426 -5.23 17.25 7.97
CA THR B 426 -5.11 15.80 7.92
C THR B 426 -4.92 15.22 9.32
N ASP B 427 -3.94 15.75 10.07
CA ASP B 427 -3.79 15.35 11.46
C ASP B 427 -5.10 15.48 12.22
N ASP B 428 -5.83 16.57 11.98
CA ASP B 428 -7.15 16.74 12.59
C ASP B 428 -8.07 15.57 12.25
N PHE B 429 -8.09 15.17 10.99
CA PHE B 429 -8.93 14.06 10.55
C PHE B 429 -8.60 12.78 11.33
N TYR B 430 -7.32 12.52 11.56
CA TYR B 430 -6.92 11.32 12.29
C TYR B 430 -7.43 11.35 13.73
N ARG B 431 -7.18 12.46 14.44
CA ARG B 431 -7.71 12.62 15.78
C ARG B 431 -9.21 12.34 15.82
N LEU B 432 -9.96 13.02 14.95
CA LEU B 432 -11.42 12.90 14.94
C LEU B 432 -11.86 11.51 14.51
N GLY B 433 -11.22 10.95 13.49
CA GLY B 433 -11.62 9.64 13.00
C GLY B 433 -11.48 8.55 14.03
N LYS B 434 -10.37 8.54 14.77
CA LYS B 434 -10.22 7.59 15.88
C LYS B 434 -11.34 7.75 16.89
N GLU B 435 -11.52 8.97 17.40
CA GLU B 435 -12.61 9.30 18.31
C GLU B 435 -13.94 8.71 17.84
N LEU B 436 -14.28 8.95 16.58
CA LEU B 436 -15.60 8.56 16.08
C LEU B 436 -15.65 7.07 15.75
N ALA B 437 -14.53 6.46 15.40
CA ALA B 437 -14.48 5.01 15.25
C ALA B 437 -14.90 4.33 16.55
N LEU B 438 -14.38 4.82 17.68
CA LEU B 438 -14.70 4.22 18.97
C LEU B 438 -16.18 4.36 19.30
N GLN B 439 -16.70 5.59 19.25
CA GLN B 439 -18.08 5.84 19.65
C GLN B 439 -19.10 5.25 18.67
N SER B 440 -18.66 4.78 17.50
CA SER B 440 -19.57 4.16 16.55
C SER B 440 -19.82 2.68 16.83
N GLY B 441 -19.11 2.10 17.80
CA GLY B 441 -19.25 0.70 18.15
C GLY B 441 -18.68 -0.29 17.15
N LEU B 442 -18.19 0.17 16.00
CA LEU B 442 -17.64 -0.70 14.96
C LEU B 442 -16.21 -1.11 15.22
N ALA B 443 -15.53 -0.49 16.19
CA ALA B 443 -14.17 -0.83 16.55
C ALA B 443 -13.99 -0.53 18.02
N HIS B 444 -12.92 -1.07 18.61
CA HIS B 444 -12.71 -0.99 20.04
C HIS B 444 -11.24 -0.70 20.33
N LYS B 445 -10.98 -0.21 21.54
CA LYS B 445 -9.64 0.19 21.93
C LYS B 445 -8.65 -0.93 21.65
N GLY B 446 -7.55 -0.58 20.99
CA GLY B 446 -6.53 -1.52 20.62
C GLY B 446 -6.61 -2.01 19.18
N ASP B 447 -7.79 -1.96 18.58
CA ASP B 447 -7.93 -2.34 17.17
C ASP B 447 -7.11 -1.41 16.28
N VAL B 448 -6.67 -1.94 15.16
CA VAL B 448 -6.03 -1.15 14.12
C VAL B 448 -7.13 -0.61 13.20
N VAL B 449 -6.89 0.56 12.63
CA VAL B 449 -7.80 1.15 11.66
C VAL B 449 -6.96 1.82 10.58
N VAL B 450 -7.46 1.80 9.35
CA VAL B 450 -6.80 2.46 8.23
C VAL B 450 -7.63 3.68 7.87
N MET B 451 -6.97 4.81 7.63
CA MET B 451 -7.63 6.10 7.49
C MET B 451 -7.21 6.70 6.16
N VAL B 452 -8.15 6.73 5.22
CA VAL B 452 -7.92 7.16 3.85
C VAL B 452 -8.51 8.55 3.66
N SER B 453 -7.78 9.40 2.93
CA SER B 453 -8.18 10.79 2.76
C SER B 453 -7.41 11.40 1.60
N GLY B 454 -7.77 12.63 1.26
CA GLY B 454 -7.01 13.43 0.33
C GLY B 454 -6.33 14.60 1.02
N ALA B 455 -5.02 14.71 0.88
CA ALA B 455 -4.25 15.76 1.52
C ALA B 455 -3.68 16.69 0.46
N LEU B 456 -3.90 17.99 0.66
CA LEU B 456 -3.39 19.03 -0.24
C LEU B 456 -3.79 18.78 -1.69
N VAL B 457 -5.02 18.31 -1.87
CA VAL B 457 -5.60 18.14 -3.21
C VAL B 457 -7.08 18.54 -3.12
N PRO B 458 -7.64 18.93 -4.27
CA PRO B 458 -9.08 19.21 -4.27
C PRO B 458 -9.89 17.94 -4.13
N SER B 459 -11.17 18.11 -3.81
CA SER B 459 -12.08 16.98 -3.76
C SER B 459 -12.04 16.26 -5.10
N GLY B 460 -12.36 14.96 -5.08
CA GLY B 460 -12.28 14.14 -6.27
C GLY B 460 -11.02 13.30 -6.36
N THR B 461 -10.11 13.45 -5.40
CA THR B 461 -8.84 12.72 -5.41
C THR B 461 -8.54 12.20 -4.00
N THR B 462 -8.15 10.93 -3.93
CA THR B 462 -7.78 10.27 -2.67
C THR B 462 -6.32 9.84 -2.76
N ASN B 463 -5.45 10.42 -1.93
CA ASN B 463 -4.03 10.22 -2.09
C ASN B 463 -3.28 9.82 -0.83
N THR B 464 -3.95 9.68 0.32
CA THR B 464 -3.26 9.44 1.58
C THR B 464 -3.89 8.28 2.32
N ALA B 465 -3.05 7.41 2.86
CA ALA B 465 -3.47 6.29 3.70
C ALA B 465 -2.63 6.29 4.97
N SER B 466 -3.29 6.08 6.11
CA SER B 466 -2.65 6.18 7.42
C SER B 466 -3.21 5.10 8.33
N VAL B 467 -2.36 4.53 9.18
CA VAL B 467 -2.73 3.43 10.06
C VAL B 467 -2.56 3.88 11.51
N HIS B 468 -3.59 3.60 12.32
CA HIS B 468 -3.63 4.07 13.70
C HIS B 468 -4.23 3.02 14.61
N VAL B 469 -3.88 3.13 15.89
CA VAL B 469 -4.38 2.24 16.93
C VAL B 469 -5.24 3.05 17.89
N LEU B 470 -6.42 2.52 18.23
CA LEU B 470 -7.37 3.27 19.03
C LEU B 470 -7.11 3.22 20.53
S SO4 C . 11.48 8.17 13.00
O1 SO4 C . 12.74 7.74 13.63
O2 SO4 C . 10.40 7.25 13.36
O3 SO4 C . 11.66 8.16 11.55
O4 SO4 C . 11.14 9.53 13.43
S SO4 D . -13.91 13.18 -2.38
O1 SO4 D . -12.72 12.81 -3.13
O2 SO4 D . -14.38 12.02 -1.62
O3 SO4 D . -14.96 13.60 -3.30
O4 SO4 D . -13.58 14.27 -1.46
C1 B3P E . -41.43 -0.30 -18.00
C2 B3P E . -40.89 -0.47 -19.42
C3 B3P E . -40.95 -1.37 -17.00
N1 B3P E . -41.58 -2.67 -17.22
C4 B3P E . -42.12 -3.28 -16.00
C5 B3P E . -42.64 -4.67 -16.39
C6 B3P E . -41.03 -3.44 -14.95
C7 B3P E . -43.28 -2.48 -15.40
N2 B3P E . -41.70 -1.38 -20.22
C8 B3P E . -42.43 -0.75 -21.33
C9 B3P E . -43.74 -0.09 -20.89
C10 B3P E . -42.78 -1.88 -22.28
C11 B3P E . -41.57 0.25 -22.12
O1 B3P E . -43.52 0.86 -19.89
O2 B3P E . -41.61 -2.44 -22.81
O3 B3P E . -42.24 0.65 -23.28
O4 B3P E . -43.33 -5.25 -15.32
O5 B3P E . -40.90 -4.78 -14.57
O6 B3P E . -43.74 -3.14 -14.25
H11 B3P E . -42.40 -0.34 -18.04
H12 B3P E . -41.18 0.57 -17.67
H21 B3P E . -40.84 0.42 -19.80
H22 B3P E . -39.99 -0.83 -19.37
H31 B3P E . -39.99 -1.46 -17.10
H32 B3P E . -41.15 -1.06 -16.10
HN1 B3P E . -40.99 -3.22 -17.59
H51 B3P E . -41.90 -5.24 -16.64
H52 B3P E . -43.24 -4.58 -17.14
H61 B3P E . -40.18 -3.12 -15.28
H62 B3P E . -41.27 -2.92 -14.16
H71 B3P E . -42.99 -1.59 -15.18
H72 B3P E . -44.00 -2.42 -16.05
HN2 B3P E . -41.19 -2.03 -20.54
H91 B3P E . -44.34 -0.77 -20.55
H92 B3P E . -44.15 0.33 -21.66
H101 B3P E . -43.33 -1.54 -23.02
H102 B3P E . -43.29 -2.56 -21.81
H111 B3P E . -40.73 -0.16 -22.34
H112 B3P E . -41.42 1.05 -21.59
HO1 B3P E . -44.24 1.31 -19.76
HO2 B3P E . -41.72 -2.60 -23.63
HO3 B3P E . -41.78 1.26 -23.67
HO4 B3P E . -43.61 -6.02 -15.54
HO5 B3P E . -40.19 -4.87 -14.10
HO6 B3P E . -44.23 -2.62 -13.81
#